data_5UWF
#
_entry.id   5UWF
#
_cell.length_a   49.718
_cell.length_b   81.239
_cell.length_c   158.609
_cell.angle_alpha   90.00
_cell.angle_beta   90.00
_cell.angle_gamma   90.00
#
_symmetry.space_group_name_H-M   'P 21 21 21'
#
loop_
_entity.id
_entity.type
_entity.pdbx_description
1 polymer "cAMP and cAMP-inhibited cGMP 3',5'-cyclic phosphodiesterase 10A"
2 non-polymer "9-[(1S)-2,2-difluorocyclopropane-1-carbonyl]-6-[(4-methoxyphenyl)methyl]-8,9,10,11-tetrahydropyrido[4',3':4,5]thieno[3,2-e][1,2,4]triazolo[1,5-c]pyrimidin-5(6H)-one"
3 non-polymer 'ZINC ION'
4 non-polymer 'MAGNESIUM ION'
5 water water
#
_entity_poly.entity_id   1
_entity_poly.type   'polypeptide(L)'
_entity_poly.pdbx_seq_one_letter_code
;SMASICTSEEWQGLMQFTLPVRLCKEIELFHFDIGPFENMWPGIFVYMVHRSCGTSCFELEKLCRFIMSVKKNYRRVPYH
NWKHAVTVAHCMYAILQNNHTLFTDLERKGLLIACLCHDLDHRGFSNSYLQKFDHPLAALYSTSTMEQHHFSQTVSILQL
EGHNIFSTLSSSEYEQVLEIIRKAIIATDLALYFGNRKQLEEMYQTGSLNLNNQSHRDRVIGLMMTACDLCSVTKLWPVT
KLTANDIYAEFWAEGDEMKKLGIQPIPMMDRDKKDEVPQGQLGFYNAVAIPCYTTLTQILPPTEPLLKACRDNLSQWEKV
IRGEETATWISSPSVAQKAAASED
;
_entity_poly.pdbx_strand_id   C,D
#
loop_
_chem_comp.id
_chem_comp.type
_chem_comp.name
_chem_comp.formula
8Q7 non-polymer 9-[(1S)-2,2-difluorocyclopropane-1-carbonyl]-6-[(4-methoxyphenyl)methyl]-8,9,10,11-tetrahydropyrido[4',3':4,5]thieno[3,2-e][1,2,4]triazolo[1,5-c]pyrimidin-5(6H)-one 'C22 H19 F2 N5 O3 S'
MG non-polymer 'MAGNESIUM ION' 'Mg 2'
ZN non-polymer 'ZINC ION' 'Zn 2'
#
# COMPACT_ATOMS: atom_id res chain seq x y z
N SER A 1 -13.33 -12.09 30.06
CA SER A 1 -13.67 -10.75 29.55
C SER A 1 -14.17 -10.81 28.12
N MET A 2 -14.65 -9.66 27.64
CA MET A 2 -15.01 -9.54 26.25
C MET A 2 -13.83 -9.13 25.38
N ALA A 3 -12.83 -8.47 25.95
CA ALA A 3 -11.72 -7.96 25.18
C ALA A 3 -10.61 -9.00 25.08
N SER A 4 -10.07 -9.13 23.87
CA SER A 4 -8.91 -10.00 23.67
C SER A 4 -7.67 -9.35 24.27
N ILE A 5 -6.65 -10.16 24.52
CA ILE A 5 -5.41 -9.67 25.13
C ILE A 5 -4.26 -9.88 24.15
N CYS A 6 -3.32 -8.95 24.14
CA CYS A 6 -2.13 -9.10 23.31
C CYS A 6 -1.19 -10.12 23.92
N THR A 7 -0.20 -10.52 23.14
CA THR A 7 0.80 -11.44 23.64
C THR A 7 1.98 -10.67 24.19
N SER A 8 2.77 -11.35 25.02
CA SER A 8 4.02 -10.76 25.50
C SER A 8 4.92 -10.37 24.34
N GLU A 9 5.05 -11.24 23.34
CA GLU A 9 5.83 -10.92 22.15
C GLU A 9 5.43 -9.57 21.57
N GLU A 10 4.11 -9.36 21.38
CA GLU A 10 3.61 -8.17 20.72
C GLU A 10 3.92 -6.90 21.51
N TRP A 11 3.65 -6.89 22.81
CA TRP A 11 3.89 -5.64 23.52
C TRP A 11 5.37 -5.42 23.82
N GLN A 12 6.15 -6.49 23.97
CA GLN A 12 7.59 -6.32 24.16
C GLN A 12 8.27 -5.81 22.89
N GLY A 13 7.88 -6.35 21.73
CA GLY A 13 8.39 -5.82 20.48
C GLY A 13 8.13 -4.33 20.31
N LEU A 14 6.96 -3.87 20.77
CA LEU A 14 6.62 -2.45 20.64
C LEU A 14 7.58 -1.56 21.43
N MET A 15 7.96 -2.00 22.64
CA MET A 15 8.73 -1.15 23.56
C MET A 15 10.03 -0.67 22.94
N GLN A 16 10.62 -1.44 22.04
CA GLN A 16 11.93 -1.13 21.47
C GLN A 16 11.83 -0.48 20.09
N PHE A 17 10.63 -0.17 19.64
CA PHE A 17 10.47 0.57 18.39
C PHE A 17 11.07 1.96 18.50
N THR A 18 11.73 2.39 17.43
CA THR A 18 12.17 3.77 17.26
C THR A 18 11.71 4.24 15.89
N LEU A 19 11.05 5.40 15.85
CA LEU A 19 10.55 5.90 14.57
C LEU A 19 11.71 6.38 13.72
N PRO A 20 11.77 5.99 12.43
CA PRO A 20 12.79 6.56 11.54
C PRO A 20 12.72 8.07 11.52
N VAL A 21 13.89 8.70 11.46
CA VAL A 21 13.97 10.14 11.67
C VAL A 21 13.27 10.91 10.56
N ARG A 22 13.26 10.38 9.33
CA ARG A 22 12.56 11.08 8.25
C ARG A 22 11.08 11.23 8.56
N LEU A 23 10.48 10.21 9.19
CA LEU A 23 9.05 10.26 9.49
C LEU A 23 8.74 11.21 10.65
N CYS A 24 9.74 11.69 11.38
CA CYS A 24 9.49 12.68 12.42
C CYS A 24 8.96 13.98 11.85
N LYS A 25 9.55 14.46 10.76
CA LYS A 25 9.06 15.70 10.17
C LYS A 25 7.73 15.47 9.46
N GLU A 26 7.55 14.30 8.81
CA GLU A 26 6.34 14.07 8.03
C GLU A 26 5.12 13.90 8.92
N ILE A 27 5.29 13.28 10.09
CA ILE A 27 4.16 12.94 10.94
C ILE A 27 3.46 14.18 11.49
N GLU A 28 4.13 15.34 11.47
CA GLU A 28 3.54 16.57 11.98
C GLU A 28 2.53 17.20 11.03
N LEU A 29 2.53 16.81 9.76
CA LEU A 29 1.68 17.46 8.79
C LEU A 29 0.29 16.83 8.80
N PHE A 30 -0.72 17.67 8.55
CA PHE A 30 -2.11 17.23 8.57
C PHE A 30 -2.37 16.19 7.50
N HIS A 31 -1.81 16.38 6.31
CA HIS A 31 -2.12 15.49 5.20
C HIS A 31 -1.45 14.13 5.31
N PHE A 32 -0.67 13.89 6.37
CA PHE A 32 0.13 12.69 6.47
C PHE A 32 -0.71 11.44 6.36
N ASP A 33 -0.23 10.49 5.55
CA ASP A 33 -0.91 9.21 5.33
C ASP A 33 -0.06 8.11 5.96
N ILE A 34 -0.58 7.49 7.02
CA ILE A 34 0.08 6.34 7.65
C ILE A 34 0.08 5.11 6.76
N GLY A 35 -0.68 5.14 5.66
CA GLY A 35 -0.88 4.00 4.78
C GLY A 35 0.29 3.06 4.56
N PRO A 36 1.40 3.59 4.06
CA PRO A 36 2.51 2.72 3.65
C PRO A 36 3.46 2.32 4.77
N PHE A 37 3.07 2.52 6.04
CA PHE A 37 3.93 2.23 7.17
C PHE A 37 3.26 1.28 8.18
N GLU A 38 2.57 0.24 7.68
CA GLU A 38 1.73 -0.58 8.56
C GLU A 38 2.48 -1.12 9.77
N ASN A 39 3.67 -1.69 9.55
CA ASN A 39 4.41 -2.28 10.66
C ASN A 39 4.71 -1.25 11.76
N MET A 40 4.68 0.03 11.42
CA MET A 40 5.06 1.09 12.35
C MET A 40 3.88 1.73 13.07
N TRP A 41 2.63 1.37 12.74
CA TRP A 41 1.50 2.09 13.31
C TRP A 41 1.50 2.08 14.83
N PRO A 42 1.72 0.95 15.53
CA PRO A 42 1.77 1.04 17.00
C PRO A 42 2.88 1.96 17.48
N GLY A 43 4.08 1.82 16.92
CA GLY A 43 5.16 2.70 17.28
C GLY A 43 4.89 4.15 16.95
N ILE A 44 4.11 4.40 15.89
CA ILE A 44 3.75 5.77 15.53
C ILE A 44 2.83 6.36 16.58
N PHE A 45 1.88 5.57 17.09
CA PHE A 45 1.05 6.04 18.18
C PHE A 45 1.87 6.33 19.43
N VAL A 46 2.81 5.44 19.78
CA VAL A 46 3.66 5.70 20.95
C VAL A 46 4.37 7.05 20.78
N TYR A 47 5.00 7.24 19.62
CA TYR A 47 5.71 8.49 19.34
C TYR A 47 4.80 9.69 19.52
N MET A 48 3.59 9.60 18.94
CA MET A 48 2.69 10.73 19.01
C MET A 48 2.30 11.05 20.45
N VAL A 49 2.08 10.01 21.27
CA VAL A 49 1.80 10.25 22.68
C VAL A 49 2.97 10.93 23.35
N HIS A 50 4.21 10.55 22.99
CA HIS A 50 5.38 11.11 23.66
C HIS A 50 5.64 12.55 23.26
N ARG A 51 5.37 12.92 22.00
CA ARG A 51 5.56 14.31 21.62
C ARG A 51 4.47 15.19 22.24
N SER A 52 3.23 14.71 22.22
CA SER A 52 2.15 15.55 22.72
C SER A 52 2.15 15.64 24.25
N CYS A 53 2.31 14.51 24.95
CA CYS A 53 2.15 14.49 26.40
C CYS A 53 3.45 14.35 27.16
N GLY A 54 4.55 13.99 26.50
CA GLY A 54 5.81 13.84 27.20
C GLY A 54 6.18 12.38 27.39
N THR A 55 7.48 12.13 27.53
CA THR A 55 8.01 10.77 27.43
C THR A 55 7.65 9.89 28.63
N SER A 56 7.33 10.48 29.78
CA SER A 56 6.96 9.69 30.96
C SER A 56 5.51 9.95 31.37
N CYS A 57 4.65 10.30 30.40
CA CYS A 57 3.25 10.54 30.72
C CYS A 57 2.54 9.25 31.10
N PHE A 58 2.88 8.14 30.44
CA PHE A 58 2.38 6.83 30.78
C PHE A 58 3.56 5.91 31.08
N GLU A 59 3.28 4.85 31.84
CA GLU A 59 4.27 3.80 32.06
C GLU A 59 4.40 2.95 30.80
N LEU A 60 5.63 2.86 30.27
CA LEU A 60 5.82 2.32 28.92
C LEU A 60 5.24 0.92 28.78
N GLU A 61 5.50 0.05 29.77
CA GLU A 61 4.98 -1.32 29.71
C GLU A 61 3.46 -1.33 29.61
N LYS A 62 2.80 -0.51 30.43
CA LYS A 62 1.34 -0.47 30.37
C LYS A 62 0.87 0.11 29.05
N LEU A 63 1.60 1.10 28.52
CA LEU A 63 1.16 1.75 27.29
C LEU A 63 1.26 0.81 26.10
N CYS A 64 2.33 0.01 26.04
CA CYS A 64 2.50 -0.92 24.93
C CYS A 64 1.49 -2.07 25.01
N ARG A 65 1.28 -2.62 26.21
CA ARG A 65 0.23 -3.62 26.39
C ARG A 65 -1.11 -3.08 25.95
N PHE A 66 -1.44 -1.86 26.39
CA PHE A 66 -2.70 -1.24 26.03
C PHE A 66 -2.84 -1.11 24.51
N ILE A 67 -1.80 -0.58 23.87
CA ILE A 67 -1.85 -0.33 22.42
C ILE A 67 -2.01 -1.64 21.65
N MET A 68 -1.26 -2.67 22.03
CA MET A 68 -1.30 -3.90 21.25
C MET A 68 -2.59 -4.67 21.51
N SER A 69 -3.16 -4.55 22.71
CA SER A 69 -4.47 -5.14 22.95
C SER A 69 -5.58 -4.34 22.27
N VAL A 70 -5.43 -3.02 22.14
CA VAL A 70 -6.40 -2.25 21.37
C VAL A 70 -6.37 -2.71 19.92
N LYS A 71 -5.17 -2.81 19.35
CA LYS A 71 -5.00 -3.34 17.99
C LYS A 71 -5.76 -4.66 17.83
N LYS A 72 -5.55 -5.59 18.75
CA LYS A 72 -6.13 -6.92 18.64
C LYS A 72 -7.66 -6.90 18.72
N ASN A 73 -8.24 -5.87 19.32
CA ASN A 73 -9.68 -5.79 19.48
C ASN A 73 -10.34 -4.97 18.38
N TYR A 74 -9.58 -4.59 17.35
CA TYR A 74 -10.16 -4.17 16.07
C TYR A 74 -10.29 -5.40 15.19
N ARG A 75 -11.38 -5.46 14.43
CA ARG A 75 -11.66 -6.61 13.58
C ARG A 75 -11.17 -6.33 12.17
N ARG A 76 -11.05 -7.39 11.39
CA ARG A 76 -10.58 -7.26 10.01
C ARG A 76 -11.79 -6.98 9.11
N VAL A 77 -12.34 -5.78 9.29
CA VAL A 77 -13.41 -5.25 8.44
C VAL A 77 -12.79 -4.32 7.41
N PRO A 78 -13.49 -3.98 6.33
CA PRO A 78 -12.84 -3.19 5.26
C PRO A 78 -12.38 -1.82 5.70
N TYR A 79 -13.14 -1.15 6.57
CA TYR A 79 -12.83 0.23 6.87
C TYR A 79 -12.66 0.52 8.37
N HIS A 80 -13.57 0.05 9.22
CA HIS A 80 -13.50 0.37 10.67
C HIS A 80 -12.54 -0.60 11.36
N ASN A 81 -11.27 -0.47 10.99
CA ASN A 81 -10.24 -1.39 11.43
C ASN A 81 -9.11 -0.62 12.12
N TRP A 82 -8.06 -1.35 12.48
CA TRP A 82 -6.91 -0.78 13.17
C TRP A 82 -6.31 0.39 12.37
N LYS A 83 -6.26 0.28 11.04
CA LYS A 83 -5.73 1.38 10.26
C LYS A 83 -6.51 2.66 10.48
N HIS A 84 -7.84 2.56 10.50
CA HIS A 84 -8.67 3.72 10.70
C HIS A 84 -8.41 4.36 12.07
N ALA A 85 -8.28 3.52 13.10
CA ALA A 85 -8.02 4.02 14.45
C ALA A 85 -6.72 4.84 14.52
N VAL A 86 -5.65 4.35 13.91
CA VAL A 86 -4.40 5.10 13.98
C VAL A 86 -4.49 6.35 13.12
N THR A 87 -5.22 6.27 11.99
CA THR A 87 -5.41 7.43 11.13
C THR A 87 -6.14 8.54 11.85
N VAL A 88 -7.20 8.19 12.60
CA VAL A 88 -7.95 9.19 13.33
C VAL A 88 -7.11 9.78 14.46
N ALA A 89 -6.37 8.92 15.19
CA ALA A 89 -5.50 9.40 16.25
C ALA A 89 -4.40 10.31 15.73
N HIS A 90 -3.86 10.02 14.54
CA HIS A 90 -2.86 10.93 14.00
C HIS A 90 -3.45 12.29 13.66
N CYS A 91 -4.65 12.33 13.08
CA CYS A 91 -5.27 13.63 12.82
C CYS A 91 -5.42 14.42 14.12
N MET A 92 -5.78 13.75 15.20
CA MET A 92 -5.92 14.44 16.49
C MET A 92 -4.57 14.96 16.96
N TYR A 93 -3.53 14.14 16.83
CA TYR A 93 -2.18 14.59 17.12
C TYR A 93 -1.86 15.88 16.39
N ALA A 94 -2.08 15.91 15.08
CA ALA A 94 -1.84 17.13 14.32
C ALA A 94 -2.68 18.29 14.83
N ILE A 95 -3.96 18.05 15.11
CA ILE A 95 -4.79 19.14 15.65
C ILE A 95 -4.21 19.64 16.96
N LEU A 96 -3.86 18.74 17.86
CA LEU A 96 -3.39 19.15 19.18
C LEU A 96 -2.03 19.83 19.09
N GLN A 97 -1.09 19.27 18.31
CA GLN A 97 0.22 19.90 18.16
C GLN A 97 0.09 21.35 17.72
N ASN A 98 -0.91 21.64 16.89
CA ASN A 98 -1.11 22.97 16.35
C ASN A 98 -1.95 23.86 17.25
N ASN A 99 -2.48 23.31 18.34
CA ASN A 99 -3.37 24.03 19.25
C ASN A 99 -3.01 23.65 20.67
N HIS A 100 -1.70 23.51 20.93
CA HIS A 100 -1.23 22.68 22.02
C HIS A 100 -1.70 23.18 23.37
N THR A 101 -1.53 24.48 23.63
CA THR A 101 -1.83 25.03 24.94
C THR A 101 -3.29 25.39 25.14
N LEU A 102 -4.12 25.24 24.10
CA LEU A 102 -5.55 25.42 24.29
C LEU A 102 -6.18 24.28 25.07
N PHE A 103 -5.50 23.15 25.14
CA PHE A 103 -6.02 21.94 25.76
C PHE A 103 -5.12 21.52 26.90
N THR A 104 -5.72 20.94 27.94
CA THR A 104 -4.95 20.51 29.07
C THR A 104 -4.18 19.24 28.77
N ASP A 105 -3.15 19.00 29.59
CA ASP A 105 -2.39 17.76 29.52
C ASP A 105 -3.32 16.55 29.61
N LEU A 106 -4.33 16.64 30.48
CA LEU A 106 -5.30 15.57 30.64
C LEU A 106 -6.13 15.38 29.37
N GLU A 107 -6.50 16.48 28.72
CA GLU A 107 -7.33 16.34 27.53
C GLU A 107 -6.53 15.76 26.39
N ARG A 108 -5.26 16.14 26.27
CA ARG A 108 -4.48 15.61 25.16
C ARG A 108 -4.24 14.10 25.30
N LYS A 109 -3.93 13.64 26.51
CA LYS A 109 -3.76 12.20 26.68
C LYS A 109 -5.10 11.49 26.53
N GLY A 110 -6.20 12.12 26.98
CA GLY A 110 -7.51 11.54 26.79
C GLY A 110 -7.91 11.43 25.32
N LEU A 111 -7.71 12.51 24.55
CA LEU A 111 -8.21 12.55 23.17
C LEU A 111 -7.39 11.65 22.26
N LEU A 112 -6.07 11.57 22.49
CA LEU A 112 -5.28 10.62 21.71
C LEU A 112 -5.73 9.19 21.98
N ILE A 113 -6.00 8.85 23.25
CA ILE A 113 -6.40 7.48 23.57
C ILE A 113 -7.80 7.20 23.05
N ALA A 114 -8.71 8.16 23.24
CA ALA A 114 -10.07 8.03 22.73
C ALA A 114 -10.10 7.80 21.23
N CYS A 115 -9.24 8.52 20.49
CA CYS A 115 -9.22 8.36 19.04
C CYS A 115 -8.74 6.97 18.64
N LEU A 116 -7.69 6.47 19.30
CA LEU A 116 -7.23 5.13 19.00
C LEU A 116 -8.30 4.09 19.33
N CYS A 117 -9.15 4.38 20.33
CA CYS A 117 -10.14 3.44 20.81
C CYS A 117 -11.53 3.64 20.22
N HIS A 118 -11.77 4.70 19.44
CA HIS A 118 -13.14 5.16 19.20
C HIS A 118 -13.99 4.20 18.37
N ASP A 119 -13.37 3.25 17.64
CA ASP A 119 -14.15 2.29 16.84
C ASP A 119 -13.91 0.85 17.31
N LEU A 120 -13.51 0.67 18.58
CA LEU A 120 -13.16 -0.65 19.09
C LEU A 120 -14.25 -1.68 18.85
N ASP A 121 -13.84 -2.82 18.28
CA ASP A 121 -14.69 -3.98 18.10
C ASP A 121 -15.85 -3.68 17.13
N HIS A 122 -15.62 -2.78 16.18
CA HIS A 122 -16.63 -2.47 15.19
C HIS A 122 -16.93 -3.70 14.35
N ARG A 123 -18.21 -3.93 14.05
CA ARG A 123 -18.64 -5.12 13.35
C ARG A 123 -18.83 -4.89 11.84
N GLY A 124 -18.60 -3.67 11.37
CA GLY A 124 -18.91 -3.34 10.00
C GLY A 124 -20.35 -2.97 9.74
N PHE A 125 -21.14 -2.71 10.79
CA PHE A 125 -22.55 -2.37 10.66
C PHE A 125 -22.85 -1.01 11.29
N SER A 126 -23.75 -0.28 10.68
CA SER A 126 -24.15 1.02 11.20
C SER A 126 -25.04 0.84 12.43
N ASN A 127 -25.19 1.92 13.19
CA ASN A 127 -26.18 1.93 14.26
C ASN A 127 -27.56 1.63 13.71
N SER A 128 -27.86 2.16 12.52
CA SER A 128 -29.17 1.98 11.93
C SER A 128 -29.46 0.51 11.69
N TYR A 129 -28.49 -0.22 11.13
CA TYR A 129 -28.66 -1.66 10.92
C TYR A 129 -28.98 -2.37 12.23
N LEU A 130 -28.19 -2.08 13.28
CA LEU A 130 -28.32 -2.81 14.53
C LEU A 130 -29.68 -2.61 15.15
N GLN A 131 -30.17 -1.37 15.15
CA GLN A 131 -31.49 -1.10 15.70
C GLN A 131 -32.59 -1.59 14.77
N LYS A 132 -32.35 -1.61 13.47
CA LYS A 132 -33.37 -2.09 12.54
C LYS A 132 -33.62 -3.58 12.69
N PHE A 133 -32.56 -4.37 12.80
CA PHE A 133 -32.68 -5.82 12.88
C PHE A 133 -32.49 -6.33 14.30
N ASP A 134 -32.68 -5.45 15.29
CA ASP A 134 -32.70 -5.81 16.70
C ASP A 134 -31.49 -6.66 17.08
N HIS A 135 -30.31 -6.14 16.75
CA HIS A 135 -29.07 -6.74 17.22
C HIS A 135 -29.04 -6.69 18.76
N PRO A 136 -28.45 -7.68 19.42
CA PRO A 136 -28.31 -7.60 20.88
C PRO A 136 -27.62 -6.33 21.36
N LEU A 137 -26.63 -5.83 20.61
CA LEU A 137 -25.96 -4.60 20.99
C LEU A 137 -26.95 -3.44 21.08
N ALA A 138 -27.95 -3.42 20.21
CA ALA A 138 -28.94 -2.36 20.22
C ALA A 138 -29.97 -2.52 21.34
N ALA A 139 -30.17 -3.74 21.83
CA ALA A 139 -30.99 -3.91 23.03
C ALA A 139 -30.28 -3.32 24.23
N LEU A 140 -28.95 -3.41 24.25
CA LEU A 140 -28.13 -2.93 25.35
C LEU A 140 -27.95 -1.43 25.29
N TYR A 141 -27.69 -0.89 24.09
CA TYR A 141 -27.40 0.52 23.88
C TYR A 141 -28.43 1.10 22.93
N SER A 142 -29.46 1.73 23.48
CA SER A 142 -30.59 2.20 22.67
C SER A 142 -30.17 3.26 21.66
N THR A 143 -29.28 4.17 22.05
CA THR A 143 -28.85 5.27 21.21
C THR A 143 -27.33 5.26 21.09
N SER A 144 -26.81 5.80 19.98
CA SER A 144 -25.37 5.79 19.71
C SER A 144 -24.80 4.41 20.00
N THR A 145 -25.44 3.41 19.38
CA THR A 145 -25.25 2.01 19.75
C THR A 145 -23.78 1.61 19.73
N MET A 146 -23.13 1.72 18.57
CA MET A 146 -21.75 1.25 18.46
C MET A 146 -20.83 2.07 19.36
N GLU A 147 -21.10 3.36 19.51
CA GLU A 147 -20.19 4.23 20.25
C GLU A 147 -20.20 3.90 21.74
N GLN A 148 -21.38 3.60 22.29
CA GLN A 148 -21.41 3.14 23.67
C GLN A 148 -20.62 1.85 23.82
N HIS A 149 -20.73 0.96 22.83
CA HIS A 149 -19.95 -0.28 22.84
C HIS A 149 -18.45 -0.01 22.76
N HIS A 150 -18.04 0.92 21.89
CA HIS A 150 -16.62 1.24 21.77
C HIS A 150 -16.05 1.73 23.09
N PHE A 151 -16.77 2.65 23.75
CA PHE A 151 -16.29 3.12 25.04
C PHE A 151 -16.28 2.00 26.07
N SER A 152 -17.31 1.14 26.05
CA SER A 152 -17.32 0.00 26.95
C SER A 152 -16.13 -0.92 26.69
N GLN A 153 -15.76 -1.10 25.41
CA GLN A 153 -14.55 -1.87 25.10
C GLN A 153 -13.29 -1.16 25.57
N THR A 154 -13.25 0.17 25.51
CA THR A 154 -12.09 0.90 26.04
C THR A 154 -11.89 0.62 27.53
N VAL A 155 -12.99 0.58 28.29
CA VAL A 155 -12.87 0.34 29.73
C VAL A 155 -12.48 -1.10 30.00
N SER A 156 -13.04 -2.04 29.24
CA SER A 156 -12.63 -3.44 29.33
C SER A 156 -11.14 -3.60 29.14
N ILE A 157 -10.57 -2.92 28.14
CA ILE A 157 -9.15 -3.06 27.86
C ILE A 157 -8.32 -2.45 28.99
N LEU A 158 -8.74 -1.28 29.47
CA LEU A 158 -8.07 -0.69 30.63
C LEU A 158 -8.12 -1.63 31.84
N GLN A 159 -9.19 -2.40 31.96
CA GLN A 159 -9.29 -3.29 33.11
C GLN A 159 -8.45 -4.55 32.99
N LEU A 160 -7.89 -4.85 31.82
CA LEU A 160 -6.97 -5.98 31.69
C LEU A 160 -5.71 -5.75 32.53
N GLU A 161 -5.14 -6.85 33.01
CA GLU A 161 -3.99 -6.80 33.91
C GLU A 161 -2.87 -6.00 33.27
N GLY A 162 -2.28 -5.09 34.04
CA GLY A 162 -1.17 -4.30 33.56
C GLY A 162 -1.48 -3.37 32.40
N HIS A 163 -2.76 -3.18 32.07
CA HIS A 163 -3.17 -2.35 30.95
C HIS A 163 -3.58 -0.93 31.34
N ASN A 164 -3.82 -0.66 32.62
CA ASN A 164 -4.47 0.60 32.98
C ASN A 164 -3.45 1.74 33.02
N ILE A 165 -3.32 2.40 31.86
CA ILE A 165 -2.37 3.48 31.71
C ILE A 165 -2.76 4.73 32.50
N PHE A 166 -4.00 4.83 32.94
CA PHE A 166 -4.45 6.02 33.67
C PHE A 166 -4.42 5.84 35.18
N SER A 167 -3.99 4.68 35.69
CA SER A 167 -4.12 4.39 37.12
C SER A 167 -3.23 5.25 37.99
N THR A 168 -2.25 5.95 37.43
CA THR A 168 -1.39 6.85 38.19
C THR A 168 -1.91 8.28 38.25
N LEU A 169 -3.02 8.59 37.59
CA LEU A 169 -3.67 9.86 37.80
C LEU A 169 -4.31 9.87 39.18
N SER A 170 -4.56 11.07 39.71
CA SER A 170 -5.34 11.14 40.95
C SER A 170 -6.72 10.53 40.74
N SER A 171 -7.36 10.15 41.85
CA SER A 171 -8.70 9.57 41.77
C SER A 171 -9.63 10.49 41.00
N SER A 172 -9.49 11.80 41.22
CA SER A 172 -10.33 12.76 40.52
C SER A 172 -9.95 12.85 39.05
N GLU A 173 -8.67 12.98 38.75
CA GLU A 173 -8.25 13.07 37.35
C GLU A 173 -8.57 11.80 36.60
N TYR A 174 -8.44 10.64 37.26
CA TYR A 174 -8.83 9.38 36.62
C TYR A 174 -10.29 9.46 36.15
N GLU A 175 -11.17 9.94 37.03
CA GLU A 175 -12.58 10.05 36.67
C GLU A 175 -12.82 11.12 35.62
N GLN A 176 -12.05 12.22 35.63
CA GLN A 176 -12.20 13.25 34.60
C GLN A 176 -11.83 12.71 33.22
N VAL A 177 -10.68 12.03 33.14
CA VAL A 177 -10.23 11.59 31.81
C VAL A 177 -11.14 10.50 31.25
N LEU A 178 -11.72 9.65 32.09
CA LEU A 178 -12.64 8.66 31.54
C LEU A 178 -13.90 9.33 31.01
N GLU A 179 -14.31 10.44 31.64
CA GLU A 179 -15.41 11.25 31.12
C GLU A 179 -15.03 11.95 29.83
N ILE A 180 -13.81 12.52 29.76
CA ILE A 180 -13.34 13.13 28.52
C ILE A 180 -13.41 12.13 27.38
N ILE A 181 -13.00 10.90 27.65
CA ILE A 181 -12.95 9.86 26.62
C ILE A 181 -14.36 9.42 26.24
N ARG A 182 -15.22 9.20 27.23
CA ARG A 182 -16.59 8.77 26.96
C ARG A 182 -17.29 9.77 26.04
N LYS A 183 -17.25 11.04 26.38
CA LYS A 183 -17.91 12.04 25.53
C LYS A 183 -17.26 12.08 24.16
N ALA A 184 -15.94 12.02 24.11
CA ALA A 184 -15.25 12.09 22.83
C ALA A 184 -15.63 10.93 21.92
N ILE A 185 -15.73 9.72 22.46
CA ILE A 185 -16.12 8.58 21.63
C ILE A 185 -17.58 8.71 21.20
N ILE A 186 -18.46 9.10 22.12
CA ILE A 186 -19.87 9.27 21.75
C ILE A 186 -20.01 10.30 20.65
N ALA A 187 -19.16 11.34 20.67
CA ALA A 187 -19.26 12.41 19.69
C ALA A 187 -18.96 11.93 18.27
N THR A 188 -18.31 10.78 18.12
CA THR A 188 -18.04 10.22 16.80
C THR A 188 -19.25 9.56 16.19
N ASP A 189 -20.40 9.55 16.87
CA ASP A 189 -21.67 9.19 16.25
C ASP A 189 -22.07 10.36 15.37
N LEU A 190 -21.89 10.20 14.06
CA LEU A 190 -22.11 11.32 13.16
C LEU A 190 -23.52 11.85 13.24
N ALA A 191 -24.49 11.04 13.69
CA ALA A 191 -25.84 11.55 13.86
C ALA A 191 -25.86 12.75 14.81
N LEU A 192 -24.96 12.78 15.81
CA LEU A 192 -24.88 13.88 16.76
C LEU A 192 -24.13 15.08 16.22
N TYR A 193 -23.34 14.88 15.17
CA TYR A 193 -22.47 15.94 14.68
C TYR A 193 -23.28 17.12 14.16
N PHE A 194 -24.37 16.83 13.44
CA PHE A 194 -25.11 17.90 12.76
C PHE A 194 -25.67 18.92 13.72
N GLY A 195 -26.26 18.45 14.84
CA GLY A 195 -26.70 19.40 15.86
C GLY A 195 -25.55 20.08 16.55
N ASN A 196 -24.47 19.34 16.82
CA ASN A 196 -23.31 19.93 17.50
C ASN A 196 -22.71 21.06 16.68
N ARG A 197 -22.63 20.88 15.36
CA ARG A 197 -21.98 21.85 14.50
C ARG A 197 -22.84 23.10 14.34
N LYS A 198 -24.16 22.94 14.24
CA LYS A 198 -25.04 24.11 14.18
C LYS A 198 -24.98 24.92 15.47
N GLN A 199 -24.89 24.24 16.62
CA GLN A 199 -24.72 24.94 17.89
C GLN A 199 -23.41 25.71 17.92
N LEU A 200 -22.31 25.04 17.54
CA LEU A 200 -21.00 25.70 17.51
C LEU A 200 -21.00 26.87 16.54
N GLU A 201 -21.59 26.66 15.35
CA GLU A 201 -21.68 27.73 14.38
C GLU A 201 -22.36 28.97 14.96
N GLU A 202 -23.48 28.76 15.67
CA GLU A 202 -24.19 29.88 16.26
C GLU A 202 -23.42 30.52 17.40
N MET A 203 -22.79 29.70 18.27
CA MET A 203 -21.97 30.28 19.34
C MET A 203 -20.82 31.10 18.77
N TYR A 204 -20.16 30.58 17.74
CA TYR A 204 -19.05 31.33 17.14
C TYR A 204 -19.56 32.60 16.48
N GLN A 205 -20.63 32.49 15.69
CA GLN A 205 -21.09 33.63 14.89
C GLN A 205 -21.63 34.76 15.75
N THR A 206 -22.08 34.47 16.98
CA THR A 206 -22.58 35.49 17.89
C THR A 206 -21.53 35.98 18.89
N GLY A 207 -20.30 35.49 18.78
CA GLY A 207 -19.26 35.84 19.74
C GLY A 207 -19.46 35.27 21.12
N SER A 208 -20.36 34.31 21.29
CA SER A 208 -20.63 33.77 22.61
C SER A 208 -19.77 32.56 22.93
N LEU A 209 -19.21 31.90 21.91
CA LEU A 209 -18.32 30.76 22.12
C LEU A 209 -17.24 31.12 23.14
N ASN A 210 -17.03 30.24 24.11
CA ASN A 210 -16.12 30.52 25.23
C ASN A 210 -15.48 29.20 25.66
N LEU A 211 -14.21 29.00 25.28
CA LEU A 211 -13.59 27.70 25.51
C LEU A 211 -13.44 27.36 26.98
N ASN A 212 -13.57 28.32 27.89
CA ASN A 212 -13.53 28.02 29.31
C ASN A 212 -14.91 27.73 29.89
N ASN A 213 -15.94 27.72 29.04
CA ASN A 213 -17.25 27.20 29.36
C ASN A 213 -17.23 25.70 29.06
N GLN A 214 -17.38 24.87 30.09
CA GLN A 214 -17.20 23.44 29.85
C GLN A 214 -18.19 22.91 28.81
N SER A 215 -19.42 23.40 28.81
CA SER A 215 -20.35 22.90 27.80
C SER A 215 -19.90 23.31 26.39
N HIS A 216 -19.36 24.51 26.23
CA HIS A 216 -18.77 24.89 24.95
C HIS A 216 -17.55 24.03 24.65
N ARG A 217 -16.74 23.75 25.67
CA ARG A 217 -15.52 22.96 25.51
C ARG A 217 -15.83 21.56 25.00
N ASP A 218 -16.80 20.90 25.62
CA ASP A 218 -17.22 19.56 25.16
C ASP A 218 -17.62 19.59 23.69
N ARG A 219 -18.35 20.61 23.28
CA ARG A 219 -18.79 20.68 21.89
C ARG A 219 -17.61 20.85 20.95
N VAL A 220 -16.61 21.65 21.33
CA VAL A 220 -15.45 21.84 20.45
C VAL A 220 -14.67 20.53 20.34
N ILE A 221 -14.49 19.83 21.45
CA ILE A 221 -13.84 18.52 21.40
C ILE A 221 -14.62 17.56 20.52
N GLY A 222 -15.96 17.58 20.64
CA GLY A 222 -16.76 16.75 19.76
C GLY A 222 -16.55 17.07 18.29
N LEU A 223 -16.45 18.35 17.95
CA LEU A 223 -16.23 18.67 16.53
C LEU A 223 -14.84 18.22 16.08
N MET A 224 -13.85 18.30 16.99
CA MET A 224 -12.52 17.77 16.68
C MET A 224 -12.59 16.28 16.42
N MET A 225 -13.36 15.55 17.24
CA MET A 225 -13.51 14.12 17.02
C MET A 225 -14.09 13.85 15.65
N THR A 226 -15.13 14.60 15.26
CA THR A 226 -15.71 14.43 13.91
C THR A 226 -14.66 14.73 12.83
N ALA A 227 -13.97 15.86 12.96
CA ALA A 227 -12.94 16.22 11.99
C ALA A 227 -11.88 15.13 11.86
N CYS A 228 -11.47 14.52 12.99
CA CYS A 228 -10.51 13.42 12.92
C CYS A 228 -11.12 12.18 12.26
N ASP A 229 -12.34 11.82 12.65
CA ASP A 229 -13.00 10.62 12.12
C ASP A 229 -13.20 10.72 10.61
N LEU A 230 -13.47 11.92 10.09
CA LEU A 230 -13.70 12.09 8.67
C LEU A 230 -12.43 12.37 7.85
N CYS A 231 -11.25 12.31 8.46
CA CYS A 231 -10.10 12.99 7.85
C CYS A 231 -9.61 12.35 6.54
N SER A 232 -10.17 11.24 6.07
CA SER A 232 -9.73 10.73 4.76
C SER A 232 -9.99 11.75 3.66
N VAL A 233 -10.98 12.64 3.85
CA VAL A 233 -11.32 13.68 2.89
C VAL A 233 -10.33 14.84 2.95
N THR A 234 -9.36 14.76 3.86
CA THR A 234 -8.30 15.76 3.99
C THR A 234 -6.94 15.24 3.54
N LYS A 235 -6.89 14.03 2.99
CA LYS A 235 -5.64 13.50 2.48
C LYS A 235 -5.45 13.92 1.01
N LEU A 236 -4.33 13.51 0.44
CA LEU A 236 -4.14 13.69 -0.99
C LEU A 236 -5.11 12.80 -1.75
N TRP A 237 -5.53 13.29 -2.91
CA TRP A 237 -6.62 12.65 -3.66
C TRP A 237 -6.41 11.16 -3.91
N PRO A 238 -5.23 10.65 -4.26
CA PRO A 238 -5.08 9.19 -4.41
C PRO A 238 -5.28 8.43 -3.12
N VAL A 239 -4.88 9.01 -1.99
CA VAL A 239 -5.15 8.42 -0.69
C VAL A 239 -6.65 8.48 -0.37
N THR A 240 -7.25 9.66 -0.55
CA THR A 240 -8.70 9.82 -0.39
C THR A 240 -9.49 8.84 -1.26
N LYS A 241 -9.06 8.62 -2.50
CA LYS A 241 -9.74 7.68 -3.38
C LYS A 241 -9.64 6.26 -2.84
N LEU A 242 -8.44 5.82 -2.48
CA LEU A 242 -8.26 4.47 -1.98
C LEU A 242 -9.06 4.24 -0.71
N THR A 243 -9.08 5.22 0.20
CA THR A 243 -9.87 5.05 1.41
C THR A 243 -11.36 4.97 1.10
N ALA A 244 -11.82 5.73 0.10
CA ALA A 244 -13.23 5.65 -0.30
C ALA A 244 -13.60 4.23 -0.67
N ASN A 245 -12.68 3.50 -1.31
CA ASN A 245 -12.91 2.11 -1.69
C ASN A 245 -13.19 1.25 -0.46
N ASP A 246 -12.42 1.47 0.62
CA ASP A 246 -12.66 0.74 1.85
C ASP A 246 -14.00 1.11 2.45
N ILE A 247 -14.33 2.42 2.48
CA ILE A 247 -15.60 2.89 3.05
C ILE A 247 -16.76 2.23 2.33
N TYR A 248 -16.74 2.23 1.00
CA TYR A 248 -17.87 1.68 0.26
C TYR A 248 -17.86 0.16 0.22
N ALA A 249 -16.70 -0.47 0.36
CA ALA A 249 -16.68 -1.91 0.62
C ALA A 249 -17.50 -2.24 1.86
N GLU A 250 -17.36 -1.45 2.93
CA GLU A 250 -18.11 -1.75 4.15
C GLU A 250 -19.59 -1.41 3.97
N PHE A 251 -19.89 -0.24 3.41
CA PHE A 251 -21.27 0.13 3.12
C PHE A 251 -21.98 -0.94 2.29
N TRP A 252 -21.38 -1.32 1.16
CA TRP A 252 -22.01 -2.31 0.28
C TRP A 252 -22.23 -3.63 0.99
N ALA A 253 -21.27 -4.05 1.83
CA ALA A 253 -21.45 -5.30 2.57
C ALA A 253 -22.66 -5.21 3.50
N GLU A 254 -22.85 -4.06 4.16
CA GLU A 254 -24.07 -3.86 4.92
C GLU A 254 -25.30 -3.97 4.02
N GLY A 255 -25.25 -3.33 2.86
CA GLY A 255 -26.38 -3.40 1.94
C GLY A 255 -26.65 -4.81 1.45
N ASP A 256 -25.62 -5.64 1.30
CA ASP A 256 -25.83 -7.03 0.92
C ASP A 256 -26.63 -7.76 1.98
N GLU A 257 -26.34 -7.49 3.25
CA GLU A 257 -27.06 -8.12 4.34
C GLU A 257 -28.51 -7.65 4.37
N MET A 258 -28.72 -6.35 4.16
CA MET A 258 -30.07 -5.82 4.13
C MET A 258 -30.90 -6.50 3.07
N LYS A 259 -30.32 -6.67 1.89
CA LYS A 259 -30.99 -7.39 0.80
C LYS A 259 -31.36 -8.80 1.23
N LYS A 260 -30.41 -9.54 1.81
CA LYS A 260 -30.71 -10.89 2.31
C LYS A 260 -31.87 -10.89 3.29
N LEU A 261 -31.99 -9.83 4.09
CA LEU A 261 -33.09 -9.70 5.04
C LEU A 261 -34.35 -9.11 4.42
N GLY A 262 -34.40 -9.03 3.09
CA GLY A 262 -35.60 -8.60 2.39
C GLY A 262 -35.93 -7.13 2.53
N ILE A 263 -34.90 -6.27 2.62
CA ILE A 263 -35.10 -4.83 2.76
C ILE A 263 -34.08 -4.14 1.87
N GLN A 264 -34.55 -3.51 0.79
CA GLN A 264 -33.66 -2.84 -0.15
C GLN A 264 -32.88 -1.72 0.56
N PRO A 265 -31.57 -1.63 0.35
CA PRO A 265 -30.80 -0.58 1.02
C PRO A 265 -30.86 0.72 0.22
N ILE A 266 -30.41 1.79 0.88
CA ILE A 266 -30.28 3.08 0.22
C ILE A 266 -29.25 2.90 -0.90
N PRO A 267 -29.31 3.73 -1.94
CA PRO A 267 -28.34 3.56 -3.05
C PRO A 267 -26.88 3.50 -2.61
N MET A 268 -26.48 4.31 -1.63
CA MET A 268 -25.06 4.37 -1.25
C MET A 268 -24.58 3.11 -0.57
N MET A 269 -25.48 2.24 -0.13
CA MET A 269 -25.12 0.93 0.38
C MET A 269 -25.42 -0.20 -0.61
N ASP A 270 -25.87 0.15 -1.80
CA ASP A 270 -26.23 -0.82 -2.83
C ASP A 270 -25.11 -0.85 -3.86
N ARG A 271 -24.39 -1.98 -3.93
CA ARG A 271 -23.29 -2.11 -4.87
C ARG A 271 -23.75 -2.16 -6.32
N ASP A 272 -25.04 -2.40 -6.58
CA ASP A 272 -25.54 -2.28 -7.95
C ASP A 272 -25.87 -0.84 -8.32
N LYS A 273 -25.52 0.11 -7.46
CA LYS A 273 -25.75 1.52 -7.77
C LYS A 273 -24.46 2.31 -7.63
N LYS A 274 -23.32 1.65 -7.87
CA LYS A 274 -22.01 2.29 -7.76
C LYS A 274 -21.94 3.59 -8.53
N ASP A 275 -22.67 3.69 -9.65
CA ASP A 275 -22.65 4.92 -10.45
C ASP A 275 -23.05 6.15 -9.67
N GLU A 276 -23.82 6.00 -8.59
CA GLU A 276 -24.32 7.15 -7.84
C GLU A 276 -23.35 7.63 -6.77
N VAL A 277 -22.26 6.91 -6.53
CA VAL A 277 -21.35 7.25 -5.43
C VAL A 277 -20.69 8.62 -5.64
N PRO A 278 -20.16 8.95 -6.82
CA PRO A 278 -19.61 10.30 -7.02
C PRO A 278 -20.56 11.43 -6.65
N GLN A 279 -21.85 11.33 -7.04
CA GLN A 279 -22.80 12.35 -6.64
C GLN A 279 -23.05 12.31 -5.14
N GLY A 280 -23.09 11.12 -4.55
CA GLY A 280 -23.23 11.03 -3.11
C GLY A 280 -22.02 11.57 -2.38
N GLN A 281 -20.84 11.42 -2.97
CA GLN A 281 -19.64 12.03 -2.39
C GLN A 281 -19.76 13.55 -2.42
N LEU A 282 -20.24 14.11 -3.53
CA LEU A 282 -20.41 15.55 -3.61
C LEU A 282 -21.37 16.03 -2.53
N GLY A 283 -22.47 15.30 -2.34
CA GLY A 283 -23.43 15.70 -1.32
C GLY A 283 -22.87 15.57 0.07
N PHE A 284 -22.04 14.56 0.30
CA PHE A 284 -21.43 14.41 1.61
C PHE A 284 -20.41 15.50 1.88
N TYR A 285 -19.60 15.87 0.89
CA TYR A 285 -18.67 16.97 1.09
C TYR A 285 -19.43 18.27 1.34
N ASN A 286 -20.50 18.51 0.59
CA ASN A 286 -21.22 19.76 0.71
C ASN A 286 -21.98 19.85 2.04
N ALA A 287 -22.64 18.77 2.44
CA ALA A 287 -23.52 18.82 3.60
C ALA A 287 -22.82 18.50 4.90
N VAL A 288 -21.67 17.83 4.86
CA VAL A 288 -21.06 17.31 6.08
C VAL A 288 -19.61 17.80 6.20
N ALA A 289 -18.74 17.31 5.31
CA ALA A 289 -17.31 17.50 5.49
C ALA A 289 -16.91 18.97 5.43
N ILE A 290 -17.34 19.68 4.38
CA ILE A 290 -16.97 21.08 4.25
C ILE A 290 -17.45 21.90 5.44
N PRO A 291 -18.74 21.84 5.83
CA PRO A 291 -19.15 22.60 7.02
C PRO A 291 -18.38 22.22 8.27
N CYS A 292 -18.03 20.94 8.42
CA CYS A 292 -17.28 20.52 9.58
C CYS A 292 -15.91 21.20 9.64
N TYR A 293 -15.13 21.12 8.56
CA TYR A 293 -13.80 21.73 8.58
C TYR A 293 -13.89 23.26 8.54
N THR A 294 -14.99 23.80 8.00
CA THR A 294 -15.15 25.24 8.02
C THR A 294 -15.38 25.75 9.44
N THR A 295 -16.24 25.07 10.19
CA THR A 295 -16.50 25.49 11.57
C THR A 295 -15.29 25.22 12.46
N LEU A 296 -14.59 24.12 12.21
CA LEU A 296 -13.39 23.81 12.97
C LEU A 296 -12.31 24.86 12.74
N THR A 297 -12.16 25.32 11.49
CA THR A 297 -11.13 26.31 11.20
C THR A 297 -11.48 27.66 11.78
N GLN A 298 -12.77 27.98 11.90
CA GLN A 298 -13.18 29.23 12.55
C GLN A 298 -12.81 29.23 14.02
N ILE A 299 -12.97 28.09 14.69
CA ILE A 299 -12.68 28.00 16.12
C ILE A 299 -11.20 27.80 16.36
N LEU A 300 -10.55 26.94 15.56
CA LEU A 300 -9.14 26.61 15.66
C LEU A 300 -8.45 26.95 14.34
N PRO A 301 -8.04 28.20 14.15
CA PRO A 301 -7.45 28.63 12.86
C PRO A 301 -6.30 27.76 12.38
N PRO A 302 -5.42 27.24 13.26
CA PRO A 302 -4.32 26.39 12.76
C PRO A 302 -4.78 25.13 12.04
N THR A 303 -6.05 24.74 12.15
CA THR A 303 -6.53 23.53 11.47
C THR A 303 -6.94 23.77 10.02
N GLU A 304 -6.74 24.97 9.50
CA GLU A 304 -7.11 25.31 8.13
C GLU A 304 -6.57 24.35 7.07
N PRO A 305 -5.35 23.80 7.15
CA PRO A 305 -4.93 22.84 6.11
C PRO A 305 -5.89 21.68 5.93
N LEU A 306 -6.62 21.28 6.97
CA LEU A 306 -7.66 20.27 6.79
C LEU A 306 -8.76 20.75 5.85
N LEU A 307 -9.26 21.96 6.06
CA LEU A 307 -10.29 22.51 5.18
C LEU A 307 -9.78 22.68 3.77
N LYS A 308 -8.56 23.19 3.62
CA LYS A 308 -7.96 23.34 2.29
C LYS A 308 -7.92 22.01 1.56
N ALA A 309 -7.42 20.97 2.23
CA ALA A 309 -7.36 19.65 1.60
C ALA A 309 -8.76 19.11 1.29
N CYS A 310 -9.74 19.43 2.14
CA CYS A 310 -11.10 18.95 1.92
C CYS A 310 -11.74 19.63 0.73
N ARG A 311 -11.54 20.94 0.59
CA ARG A 311 -12.00 21.62 -0.62
C ARG A 311 -11.33 21.05 -1.85
N ASP A 312 -10.05 20.70 -1.76
CA ASP A 312 -9.36 20.15 -2.93
C ASP A 312 -9.97 18.83 -3.36
N ASN A 313 -10.35 17.99 -2.41
CA ASN A 313 -10.98 16.73 -2.77
C ASN A 313 -12.42 16.91 -3.23
N LEU A 314 -13.11 17.95 -2.74
CA LEU A 314 -14.41 18.29 -3.30
C LEU A 314 -14.28 18.59 -4.79
N SER A 315 -13.26 19.36 -5.17
CA SER A 315 -13.06 19.71 -6.57
C SER A 315 -12.76 18.48 -7.41
N GLN A 316 -11.96 17.54 -6.88
CA GLN A 316 -11.73 16.30 -7.59
C GLN A 316 -13.04 15.53 -7.79
N TRP A 317 -13.89 15.47 -6.77
CA TRP A 317 -15.18 14.82 -6.95
C TRP A 317 -16.00 15.55 -8.01
N GLU A 318 -15.97 16.88 -7.99
CA GLU A 318 -16.65 17.63 -9.04
C GLU A 318 -16.08 17.31 -10.42
N LYS A 319 -14.78 17.00 -10.52
CA LYS A 319 -14.19 16.64 -11.80
C LYS A 319 -14.64 15.24 -12.23
N VAL A 320 -14.76 14.33 -11.27
CA VAL A 320 -15.33 13.01 -11.57
C VAL A 320 -16.72 13.16 -12.16
N ILE A 321 -17.55 13.99 -11.51
CA ILE A 321 -18.92 14.16 -11.97
C ILE A 321 -18.94 14.78 -13.37
N ARG A 322 -17.95 15.62 -13.70
CA ARG A 322 -17.76 16.11 -15.06
C ARG A 322 -16.78 15.22 -15.82
N GLY A 323 -15.55 15.69 -16.01
CA GLY A 323 -14.53 14.91 -16.70
C GLY A 323 -13.12 15.36 -16.35
N SER B 1 6.70 -17.72 -34.99
CA SER B 1 7.94 -16.94 -34.99
C SER B 1 9.06 -17.66 -34.27
N MET B 2 9.97 -18.30 -35.04
CA MET B 2 11.17 -18.83 -34.41
C MET B 2 12.03 -17.67 -33.91
N ALA B 3 12.63 -17.86 -32.74
CA ALA B 3 13.48 -16.84 -32.17
C ALA B 3 14.65 -16.53 -33.09
N SER B 4 14.98 -15.25 -33.22
CA SER B 4 16.19 -14.84 -33.92
C SER B 4 17.43 -15.22 -33.11
N ILE B 5 18.57 -15.28 -33.80
CA ILE B 5 19.79 -15.85 -33.27
C ILE B 5 20.91 -14.82 -33.40
N CYS B 6 21.79 -14.77 -32.39
CA CYS B 6 22.94 -13.88 -32.45
C CYS B 6 23.92 -14.33 -33.53
N THR B 7 24.76 -13.39 -33.99
CA THR B 7 25.87 -13.74 -34.85
C THR B 7 27.08 -14.17 -34.01
N SER B 8 28.08 -14.72 -34.69
CA SER B 8 29.29 -15.15 -34.00
C SER B 8 29.97 -13.98 -33.31
N GLU B 9 30.08 -12.83 -33.99
CA GLU B 9 30.75 -11.68 -33.42
C GLU B 9 30.04 -11.15 -32.17
N GLU B 10 28.72 -11.28 -32.11
CA GLU B 10 28.00 -10.77 -30.93
C GLU B 10 28.33 -11.60 -29.70
N TRP B 11 28.30 -12.92 -29.81
CA TRP B 11 28.56 -13.71 -28.61
C TRP B 11 30.04 -13.79 -28.29
N GLN B 12 30.90 -13.63 -29.31
CA GLN B 12 32.34 -13.65 -29.06
C GLN B 12 32.77 -12.43 -28.25
N GLY B 13 32.29 -11.24 -28.61
CA GLY B 13 32.63 -10.04 -27.87
C GLY B 13 32.16 -10.05 -26.44
N LEU B 14 31.15 -10.86 -26.12
CA LEU B 14 30.69 -10.99 -24.75
C LEU B 14 31.61 -11.91 -23.93
N MET B 15 32.24 -12.89 -24.59
CA MET B 15 33.11 -13.81 -23.87
C MET B 15 34.31 -13.09 -23.27
N GLN B 16 34.73 -11.98 -23.86
CA GLN B 16 35.91 -11.24 -23.45
C GLN B 16 35.62 -10.19 -22.39
N PHE B 17 34.34 -9.89 -22.15
CA PHE B 17 33.97 -8.82 -21.24
C PHE B 17 34.34 -9.15 -19.81
N THR B 18 34.80 -8.13 -19.06
CA THR B 18 34.96 -8.24 -17.61
C THR B 18 34.46 -6.96 -16.98
N LEU B 19 33.66 -7.09 -15.92
CA LEU B 19 33.07 -5.92 -15.28
C LEU B 19 34.18 -5.04 -14.68
N PRO B 20 34.15 -3.72 -14.90
CA PRO B 20 35.13 -2.85 -14.22
C PRO B 20 35.02 -3.05 -12.72
N VAL B 21 36.16 -2.92 -12.03
CA VAL B 21 36.22 -3.24 -10.60
C VAL B 21 35.45 -2.23 -9.77
N ARG B 22 35.36 -0.98 -10.25
CA ARG B 22 34.62 0.06 -9.53
C ARG B 22 33.13 -0.24 -9.39
N LEU B 23 32.62 -1.26 -10.08
CA LEU B 23 31.20 -1.60 -10.05
C LEU B 23 30.89 -2.86 -9.25
N CYS B 24 31.90 -3.57 -8.76
CA CYS B 24 31.64 -4.83 -8.05
C CYS B 24 30.87 -4.57 -6.76
N LYS B 25 31.28 -3.54 -6.01
CA LYS B 25 30.52 -3.15 -4.82
C LYS B 25 29.10 -2.73 -5.19
N GLU B 26 28.97 -1.80 -6.16
CA GLU B 26 27.69 -1.18 -6.45
C GLU B 26 26.66 -2.18 -6.95
N ILE B 27 27.11 -3.18 -7.73
CA ILE B 27 26.15 -4.09 -8.36
C ILE B 27 25.51 -5.02 -7.35
N GLU B 28 26.06 -5.11 -6.13
CA GLU B 28 25.45 -5.93 -5.09
C GLU B 28 24.29 -5.22 -4.40
N LEU B 29 24.16 -3.91 -4.57
CA LEU B 29 23.14 -3.14 -3.88
C LEU B 29 21.79 -3.30 -4.57
N PHE B 30 20.72 -3.26 -3.76
CA PHE B 30 19.39 -3.42 -4.33
C PHE B 30 19.06 -2.29 -5.31
N HIS B 31 19.53 -1.08 -5.01
CA HIS B 31 19.16 0.08 -5.81
C HIS B 31 20.12 0.34 -6.96
N PHE B 32 21.09 -0.55 -7.20
CA PHE B 32 22.00 -0.35 -8.33
C PHE B 32 21.19 -0.08 -9.59
N ASP B 33 21.64 0.89 -10.38
CA ASP B 33 21.01 1.27 -11.65
C ASP B 33 21.96 0.90 -12.78
N ILE B 34 21.55 -0.06 -13.62
CA ILE B 34 22.35 -0.43 -14.79
C ILE B 34 22.36 0.66 -15.85
N GLY B 35 21.51 1.67 -15.70
CA GLY B 35 21.25 2.69 -16.69
C GLY B 35 22.46 3.26 -17.42
N PRO B 36 23.44 3.78 -16.69
CA PRO B 36 24.59 4.44 -17.36
C PRO B 36 25.51 3.50 -18.13
N PHE B 37 25.28 2.20 -18.17
CA PHE B 37 26.31 1.26 -18.63
C PHE B 37 25.81 0.34 -19.72
N GLU B 38 25.09 0.90 -20.72
CA GLU B 38 24.44 0.09 -21.74
C GLU B 38 25.38 -0.91 -22.40
N ASN B 39 26.59 -0.47 -22.76
CA ASN B 39 27.57 -1.39 -23.37
C ASN B 39 27.88 -2.60 -22.51
N MET B 40 27.64 -2.52 -21.20
CA MET B 40 27.97 -3.59 -20.27
C MET B 40 26.81 -4.51 -19.92
N TRP B 41 25.58 -4.18 -20.33
CA TRP B 41 24.41 -4.92 -19.88
C TRP B 41 24.52 -6.42 -20.12
N PRO B 42 24.91 -6.91 -21.31
CA PRO B 42 25.14 -8.35 -21.43
C PRO B 42 26.20 -8.87 -20.49
N GLY B 43 27.33 -8.15 -20.37
CA GLY B 43 28.39 -8.61 -19.49
C GLY B 43 27.99 -8.58 -18.04
N ILE B 44 27.11 -7.65 -17.67
CA ILE B 44 26.57 -7.62 -16.32
C ILE B 44 25.76 -8.89 -16.04
N PHE B 45 25.00 -9.37 -17.02
CA PHE B 45 24.21 -10.57 -16.77
C PHE B 45 25.11 -11.80 -16.62
N VAL B 46 26.16 -11.92 -17.45
CA VAL B 46 27.15 -12.97 -17.23
C VAL B 46 27.73 -12.87 -15.84
N TYR B 47 28.14 -11.66 -15.46
CA TYR B 47 28.76 -11.44 -14.16
C TYR B 47 27.84 -11.90 -13.03
N MET B 48 26.53 -11.71 -13.17
CA MET B 48 25.63 -12.04 -12.08
C MET B 48 25.36 -13.53 -12.03
N VAL B 49 25.26 -14.18 -13.18
CA VAL B 49 25.17 -15.65 -13.23
C VAL B 49 26.41 -16.28 -12.62
N HIS B 50 27.59 -15.75 -12.99
CA HIS B 50 28.84 -16.31 -12.52
C HIS B 50 28.97 -16.21 -11.01
N ARG B 51 28.45 -15.12 -10.43
CA ARG B 51 28.56 -14.92 -8.99
C ARG B 51 27.50 -15.72 -8.23
N SER B 52 26.29 -15.82 -8.77
CA SER B 52 25.21 -16.52 -8.08
C SER B 52 25.29 -18.03 -8.28
N CYS B 53 25.64 -18.48 -9.48
CA CYS B 53 25.63 -19.90 -9.80
C CYS B 53 27.01 -20.52 -9.96
N GLY B 54 28.07 -19.74 -10.09
CA GLY B 54 29.40 -20.29 -10.35
C GLY B 54 29.78 -20.18 -11.82
N THR B 55 31.10 -20.07 -12.07
CA THR B 55 31.56 -19.92 -13.45
C THR B 55 31.41 -21.22 -14.23
N SER B 56 31.22 -22.35 -13.56
CA SER B 56 31.04 -23.65 -14.21
C SER B 56 29.58 -24.09 -14.23
N CYS B 57 28.66 -23.18 -13.95
CA CYS B 57 27.24 -23.52 -14.04
C CYS B 57 26.80 -23.69 -15.49
N PHE B 58 27.13 -22.72 -16.34
CA PHE B 58 26.80 -22.76 -17.76
C PHE B 58 28.09 -22.73 -18.58
N GLU B 59 28.16 -23.54 -19.62
CA GLU B 59 29.29 -23.44 -20.55
C GLU B 59 29.34 -22.04 -21.15
N LEU B 60 30.50 -21.40 -21.06
CA LEU B 60 30.59 -19.96 -21.31
C LEU B 60 30.11 -19.58 -22.72
N GLU B 61 30.50 -20.37 -23.73
CA GLU B 61 30.09 -20.06 -25.10
C GLU B 61 28.57 -20.11 -25.24
N LYS B 62 27.94 -21.17 -24.70
CA LYS B 62 26.48 -21.29 -24.81
C LYS B 62 25.78 -20.13 -24.12
N LEU B 63 26.27 -19.74 -22.95
CA LEU B 63 25.70 -18.63 -22.20
C LEU B 63 25.78 -17.33 -23.00
N CYS B 64 26.89 -17.09 -23.69
CA CYS B 64 27.05 -15.84 -24.41
C CYS B 64 26.16 -15.83 -25.66
N ARG B 65 26.11 -16.94 -26.38
CA ARG B 65 25.12 -17.12 -27.46
C ARG B 65 23.72 -16.86 -26.94
N PHE B 66 23.38 -17.47 -25.79
CA PHE B 66 22.04 -17.32 -25.24
C PHE B 66 21.73 -15.86 -24.95
N ILE B 67 22.61 -15.21 -24.17
CA ILE B 67 22.38 -13.82 -23.77
C ILE B 67 22.25 -12.91 -24.98
N MET B 68 23.14 -13.07 -25.96
CA MET B 68 23.09 -12.18 -27.11
C MET B 68 21.90 -12.48 -28.02
N SER B 69 21.40 -13.72 -28.00
CA SER B 69 20.20 -14.00 -28.79
C SER B 69 18.94 -13.50 -28.08
N VAL B 70 18.93 -13.58 -26.75
CA VAL B 70 17.84 -12.96 -25.99
C VAL B 70 17.76 -11.49 -26.33
N LYS B 71 18.91 -10.80 -26.32
CA LYS B 71 18.94 -9.36 -26.57
C LYS B 71 18.31 -9.02 -27.93
N LYS B 72 18.69 -9.78 -28.96
CA LYS B 72 18.19 -9.56 -30.31
C LYS B 72 16.70 -9.85 -30.43
N ASN B 73 16.10 -10.55 -29.48
CA ASN B 73 14.68 -10.85 -29.50
C ASN B 73 13.87 -9.94 -28.59
N TYR B 74 14.49 -8.89 -28.04
CA TYR B 74 13.76 -7.77 -27.48
C TYR B 74 13.63 -6.69 -28.54
N ARG B 75 12.51 -5.98 -28.50
CA ARG B 75 12.22 -4.96 -29.49
C ARG B 75 12.54 -3.57 -28.94
N ARG B 76 12.51 -2.59 -29.83
CA ARG B 76 12.83 -1.21 -29.45
C ARG B 76 11.55 -0.47 -29.01
N VAL B 77 10.93 -0.98 -27.95
CA VAL B 77 9.75 -0.33 -27.36
C VAL B 77 10.22 0.53 -26.19
N PRO B 78 9.43 1.51 -25.74
CA PRO B 78 9.97 2.47 -24.77
C PRO B 78 10.29 1.86 -23.41
N TYR B 79 9.58 0.80 -22.97
CA TYR B 79 9.79 0.29 -21.62
C TYR B 79 10.12 -1.20 -21.59
N HIS B 80 9.30 -2.04 -22.24
CA HIS B 80 9.49 -3.50 -22.17
C HIS B 80 10.56 -3.96 -23.14
N ASN B 81 11.79 -3.55 -22.84
CA ASN B 81 12.91 -3.70 -23.75
C ASN B 81 14.08 -4.41 -23.09
N TRP B 82 15.20 -4.51 -23.81
CA TRP B 82 16.39 -5.18 -23.30
C TRP B 82 16.84 -4.57 -21.97
N LYS B 83 16.83 -3.24 -21.86
CA LYS B 83 17.20 -2.60 -20.60
C LYS B 83 16.33 -3.09 -19.44
N HIS B 84 15.01 -3.18 -19.65
CA HIS B 84 14.12 -3.66 -18.60
C HIS B 84 14.47 -5.08 -18.19
N ALA B 85 14.76 -5.94 -19.18
CA ALA B 85 15.13 -7.33 -18.91
C ALA B 85 16.33 -7.40 -17.98
N VAL B 86 17.38 -6.65 -18.27
CA VAL B 86 18.59 -6.70 -17.43
C VAL B 86 18.32 -6.07 -16.08
N THR B 87 17.47 -5.04 -16.02
CA THR B 87 17.11 -4.44 -14.75
C THR B 87 16.38 -5.43 -13.86
N VAL B 88 15.38 -6.13 -14.41
CA VAL B 88 14.66 -7.11 -13.61
C VAL B 88 15.56 -8.27 -13.20
N ALA B 89 16.50 -8.67 -14.07
CA ALA B 89 17.42 -9.74 -13.68
C ALA B 89 18.36 -9.30 -12.55
N HIS B 90 18.79 -8.04 -12.51
CA HIS B 90 19.67 -7.61 -11.43
C HIS B 90 18.93 -7.59 -10.08
N CYS B 91 17.65 -7.23 -10.08
CA CYS B 91 16.91 -7.25 -8.81
C CYS B 91 16.77 -8.68 -8.30
N MET B 92 16.49 -9.64 -9.19
CA MET B 92 16.52 -11.04 -8.79
C MET B 92 17.90 -11.42 -8.27
N TYR B 93 18.95 -10.90 -8.92
CA TYR B 93 20.30 -11.19 -8.46
C TYR B 93 20.51 -10.71 -7.02
N ALA B 94 20.04 -9.50 -6.69
CA ALA B 94 20.20 -8.99 -5.33
C ALA B 94 19.35 -9.79 -4.35
N ILE B 95 18.16 -10.22 -4.76
CA ILE B 95 17.33 -11.02 -3.87
C ILE B 95 18.00 -12.36 -3.56
N LEU B 96 18.46 -13.05 -4.61
CA LEU B 96 19.12 -14.34 -4.42
C LEU B 96 20.40 -14.20 -3.60
N GLN B 97 21.19 -13.16 -3.86
CA GLN B 97 22.44 -13.00 -3.13
C GLN B 97 22.20 -12.75 -1.65
N ASN B 98 21.06 -12.15 -1.31
CA ASN B 98 20.76 -11.84 0.08
C ASN B 98 19.96 -12.92 0.78
N ASN B 99 19.65 -14.01 0.09
CA ASN B 99 18.89 -15.13 0.67
C ASN B 99 19.52 -16.44 0.21
N HIS B 100 20.85 -16.51 0.29
CA HIS B 100 21.59 -17.55 -0.42
C HIS B 100 21.14 -18.94 -0.02
N THR B 101 20.77 -19.13 1.25
CA THR B 101 20.45 -20.45 1.77
C THR B 101 19.03 -20.91 1.45
N LEU B 102 18.16 -20.03 0.96
CA LEU B 102 16.76 -20.41 0.84
C LEU B 102 16.38 -20.96 -0.52
N PHE B 103 17.16 -20.68 -1.57
CA PHE B 103 16.79 -21.11 -2.90
C PHE B 103 17.80 -22.12 -3.40
N THR B 104 17.30 -23.16 -4.06
CA THR B 104 18.14 -24.21 -4.59
C THR B 104 18.94 -23.72 -5.79
N ASP B 105 20.00 -24.44 -6.10
CA ASP B 105 20.81 -24.07 -7.27
C ASP B 105 19.99 -24.06 -8.54
N LEU B 106 19.01 -24.98 -8.64
CA LEU B 106 18.14 -25.00 -9.81
C LEU B 106 17.29 -23.74 -9.87
N GLU B 107 16.76 -23.30 -8.73
CA GLU B 107 15.92 -22.11 -8.70
C GLU B 107 16.72 -20.87 -9.03
N ARG B 108 17.99 -20.82 -8.60
CA ARG B 108 18.80 -19.63 -8.83
C ARG B 108 19.13 -19.50 -10.31
N LYS B 109 19.58 -20.59 -10.93
CA LYS B 109 19.76 -20.65 -12.38
C LYS B 109 18.49 -20.23 -13.11
N GLY B 110 17.40 -20.92 -12.83
CA GLY B 110 16.19 -20.72 -13.59
C GLY B 110 15.62 -19.33 -13.45
N LEU B 111 15.70 -18.76 -12.23
CA LEU B 111 15.11 -17.45 -12.01
C LEU B 111 15.90 -16.35 -12.70
N LEU B 112 17.23 -16.43 -12.69
CA LEU B 112 17.99 -15.41 -13.41
C LEU B 112 17.71 -15.50 -14.91
N ILE B 113 17.63 -16.73 -15.43
CA ILE B 113 17.27 -16.91 -16.83
C ILE B 113 15.84 -16.42 -17.06
N ALA B 114 14.90 -16.83 -16.21
CA ALA B 114 13.51 -16.42 -16.42
C ALA B 114 13.38 -14.91 -16.45
N CYS B 115 14.07 -14.21 -15.54
CA CYS B 115 14.00 -12.75 -15.48
C CYS B 115 14.51 -12.10 -16.76
N LEU B 116 15.67 -12.53 -17.26
CA LEU B 116 16.16 -11.95 -18.50
C LEU B 116 15.19 -12.17 -19.65
N CYS B 117 14.45 -13.28 -19.61
CA CYS B 117 13.58 -13.71 -20.70
C CYS B 117 12.12 -13.32 -20.50
N HIS B 118 11.78 -12.71 -19.35
CA HIS B 118 10.38 -12.62 -18.95
C HIS B 118 9.55 -11.68 -19.81
N ASP B 119 10.17 -10.81 -20.61
CA ASP B 119 9.44 -9.93 -21.52
C ASP B 119 9.86 -10.13 -22.97
N LEU B 120 10.36 -11.33 -23.30
CA LEU B 120 10.93 -11.58 -24.63
C LEU B 120 9.94 -11.25 -25.74
N ASP B 121 10.39 -10.41 -26.68
CA ASP B 121 9.65 -10.09 -27.91
C ASP B 121 8.37 -9.33 -27.60
N HIS B 122 8.38 -8.57 -26.48
CA HIS B 122 7.26 -7.72 -26.13
C HIS B 122 7.01 -6.72 -27.25
N ARG B 123 5.73 -6.47 -27.52
CA ARG B 123 5.34 -5.64 -28.65
C ARG B 123 4.94 -4.24 -28.23
N GLY B 124 5.09 -3.90 -26.94
CA GLY B 124 4.66 -2.61 -26.44
C GLY B 124 3.18 -2.50 -26.14
N PHE B 125 2.46 -3.62 -26.05
CA PHE B 125 1.02 -3.61 -25.78
C PHE B 125 0.63 -4.50 -24.60
N SER B 126 -0.36 -4.03 -23.85
CA SER B 126 -0.93 -4.81 -22.77
C SER B 126 -1.69 -6.02 -23.32
N ASN B 127 -1.91 -7.02 -22.46
CA ASN B 127 -2.79 -8.12 -22.84
C ASN B 127 -4.16 -7.61 -23.23
N SER B 128 -4.68 -6.64 -22.48
CA SER B 128 -5.98 -6.04 -22.77
C SER B 128 -6.06 -5.56 -24.22
N TYR B 129 -5.09 -4.76 -24.65
CA TYR B 129 -5.05 -4.23 -26.00
C TYR B 129 -5.10 -5.34 -27.05
N LEU B 130 -4.29 -6.38 -26.87
CA LEU B 130 -4.21 -7.41 -27.90
C LEU B 130 -5.52 -8.15 -28.03
N GLN B 131 -6.20 -8.39 -26.90
CA GLN B 131 -7.52 -9.01 -26.93
C GLN B 131 -8.55 -8.09 -27.58
N LYS B 132 -8.57 -6.81 -27.17
CA LYS B 132 -9.57 -5.88 -27.64
C LYS B 132 -9.49 -5.69 -29.14
N PHE B 133 -8.27 -5.66 -29.67
CA PHE B 133 -8.03 -5.35 -31.08
C PHE B 133 -7.64 -6.57 -31.89
N ASP B 134 -7.85 -7.77 -31.34
CA ASP B 134 -7.75 -9.02 -32.09
C ASP B 134 -6.34 -9.23 -32.65
N HIS B 135 -5.34 -8.93 -31.84
CA HIS B 135 -3.96 -9.17 -32.26
C HIS B 135 -3.76 -10.66 -32.48
N PRO B 136 -2.94 -11.06 -33.46
CA PRO B 136 -2.68 -12.49 -33.66
C PRO B 136 -2.15 -13.22 -32.42
N LEU B 137 -1.39 -12.54 -31.55
CA LEU B 137 -0.93 -13.22 -30.34
C LEU B 137 -2.07 -13.52 -29.39
N ALA B 138 -3.14 -12.72 -29.42
CA ALA B 138 -4.28 -13.03 -28.57
C ALA B 138 -5.12 -14.18 -29.12
N ALA B 139 -5.02 -14.46 -30.42
CA ALA B 139 -5.67 -15.65 -30.98
C ALA B 139 -4.92 -16.92 -30.60
N LEU B 140 -3.61 -16.81 -30.31
CA LEU B 140 -2.85 -17.97 -29.87
C LEU B 140 -3.03 -18.21 -28.38
N TYR B 141 -2.97 -17.15 -27.57
CA TYR B 141 -2.87 -17.26 -26.12
C TYR B 141 -4.01 -16.45 -25.50
N SER B 142 -5.07 -17.15 -25.06
CA SER B 142 -6.25 -16.44 -24.60
C SER B 142 -6.01 -15.71 -23.28
N THR B 143 -5.27 -16.31 -22.35
CA THR B 143 -5.02 -15.72 -21.04
C THR B 143 -3.53 -15.54 -20.82
N SER B 144 -3.18 -14.45 -20.13
CA SER B 144 -1.79 -14.04 -19.95
C SER B 144 -1.07 -14.04 -21.30
N THR B 145 -1.72 -13.42 -22.28
CA THR B 145 -1.31 -13.44 -23.69
C THR B 145 0.19 -13.27 -23.88
N MET B 146 0.73 -12.10 -23.52
CA MET B 146 2.14 -11.84 -23.78
C MET B 146 3.04 -12.73 -22.95
N GLU B 147 2.63 -13.07 -21.72
CA GLU B 147 3.47 -13.89 -20.87
C GLU B 147 3.65 -15.30 -21.45
N GLN B 148 2.61 -15.86 -22.05
CA GLN B 148 2.77 -17.12 -22.76
C GLN B 148 3.74 -16.96 -23.92
N HIS B 149 3.65 -15.82 -24.63
CA HIS B 149 4.57 -15.58 -25.73
C HIS B 149 6.00 -15.45 -25.23
N HIS B 150 6.21 -14.80 -24.07
CA HIS B 150 7.57 -14.68 -23.54
C HIS B 150 8.17 -16.04 -23.25
N PHE B 151 7.39 -16.94 -22.62
CA PHE B 151 7.89 -18.28 -22.36
C PHE B 151 8.11 -19.06 -23.66
N SER B 152 7.22 -18.88 -24.65
CA SER B 152 7.36 -19.59 -25.92
C SER B 152 8.69 -19.24 -26.59
N GLN B 153 9.00 -17.95 -26.65
CA GLN B 153 10.26 -17.50 -27.23
C GLN B 153 11.47 -17.95 -26.42
N THR B 154 11.29 -18.09 -25.09
CA THR B 154 12.37 -18.64 -24.27
C THR B 154 12.71 -20.07 -24.70
N VAL B 155 11.68 -20.89 -24.87
CA VAL B 155 11.90 -22.24 -25.38
C VAL B 155 12.53 -22.20 -26.76
N SER B 156 12.07 -21.28 -27.61
CA SER B 156 12.62 -21.20 -28.95
C SER B 156 14.12 -20.91 -28.92
N ILE B 157 14.54 -19.98 -28.04
CA ILE B 157 15.95 -19.64 -27.94
C ILE B 157 16.76 -20.84 -27.43
N LEU B 158 16.23 -21.55 -26.42
CA LEU B 158 16.87 -22.75 -25.90
C LEU B 158 17.10 -23.82 -26.97
N GLN B 159 16.31 -23.82 -28.04
CA GLN B 159 16.42 -24.85 -29.06
C GLN B 159 17.26 -24.44 -30.26
N LEU B 160 17.69 -23.18 -30.33
CA LEU B 160 18.68 -22.75 -31.31
C LEU B 160 19.99 -23.50 -31.12
N GLU B 161 20.72 -23.66 -32.23
CA GLU B 161 21.97 -24.41 -32.21
C GLU B 161 22.93 -23.82 -31.19
N GLY B 162 23.45 -24.67 -30.32
CA GLY B 162 24.43 -24.25 -29.34
C GLY B 162 23.90 -23.36 -28.24
N HIS B 163 22.58 -23.29 -28.08
CA HIS B 163 21.97 -22.38 -27.11
C HIS B 163 21.41 -23.06 -25.86
N ASN B 164 21.39 -24.39 -25.80
CA ASN B 164 20.79 -25.06 -24.64
C ASN B 164 21.77 -25.00 -23.50
N ILE B 165 21.66 -23.93 -22.71
CA ILE B 165 22.51 -23.77 -21.54
C ILE B 165 22.20 -24.83 -20.49
N PHE B 166 21.05 -25.50 -20.59
CA PHE B 166 20.65 -26.50 -19.61
C PHE B 166 20.92 -27.91 -20.09
N SER B 167 21.77 -28.07 -21.13
CA SER B 167 22.04 -29.39 -21.69
C SER B 167 22.69 -30.32 -20.68
N THR B 168 23.50 -29.79 -19.76
CA THR B 168 24.18 -30.61 -18.76
C THR B 168 23.28 -30.99 -17.59
N LEU B 169 21.98 -30.80 -17.72
CA LEU B 169 21.00 -31.19 -16.71
C LEU B 169 20.37 -32.53 -17.07
N SER B 170 20.04 -33.30 -16.03
CA SER B 170 19.30 -34.54 -16.20
C SER B 170 17.93 -34.27 -16.80
N SER B 171 17.28 -35.36 -17.23
CA SER B 171 15.95 -35.26 -17.80
C SER B 171 14.98 -34.61 -16.82
N SER B 172 15.02 -35.06 -15.56
CA SER B 172 14.14 -34.45 -14.55
C SER B 172 14.59 -33.05 -14.18
N GLU B 173 15.90 -32.80 -14.15
CA GLU B 173 16.40 -31.46 -13.83
C GLU B 173 16.11 -30.47 -14.94
N TYR B 174 16.13 -30.92 -16.20
CA TYR B 174 15.76 -30.04 -17.30
C TYR B 174 14.28 -29.65 -17.21
N GLU B 175 13.41 -30.62 -16.96
CA GLU B 175 11.99 -30.32 -16.87
C GLU B 175 11.70 -29.42 -15.68
N GLN B 176 12.39 -29.63 -14.55
CA GLN B 176 12.20 -28.80 -13.38
C GLN B 176 12.52 -27.33 -13.67
N VAL B 177 13.66 -27.07 -14.31
CA VAL B 177 14.05 -25.69 -14.51
C VAL B 177 13.12 -25.03 -15.52
N LEU B 178 12.71 -25.76 -16.56
CA LEU B 178 11.76 -25.20 -17.53
C LEU B 178 10.44 -24.86 -16.86
N GLU B 179 10.02 -25.64 -15.86
CA GLU B 179 8.76 -25.34 -15.18
C GLU B 179 8.92 -24.20 -14.18
N ILE B 180 10.06 -24.15 -13.49
CA ILE B 180 10.41 -22.95 -12.71
C ILE B 180 10.26 -21.72 -13.60
N ILE B 181 10.86 -21.79 -14.79
CA ILE B 181 10.91 -20.63 -15.68
C ILE B 181 9.51 -20.25 -16.15
N ARG B 182 8.72 -21.25 -16.56
CA ARG B 182 7.38 -20.97 -17.04
C ARG B 182 6.54 -20.30 -15.96
N LYS B 183 6.47 -20.92 -14.77
CA LYS B 183 5.69 -20.37 -13.67
C LYS B 183 6.17 -18.98 -13.29
N ALA B 184 7.49 -18.76 -13.28
CA ALA B 184 8.01 -17.44 -12.98
C ALA B 184 7.57 -16.41 -14.01
N ILE B 185 7.68 -16.73 -15.29
CA ILE B 185 7.32 -15.77 -16.32
C ILE B 185 5.82 -15.50 -16.32
N ILE B 186 5.00 -16.54 -16.25
CA ILE B 186 3.56 -16.35 -16.20
C ILE B 186 3.17 -15.48 -15.01
N ALA B 187 3.91 -15.58 -13.90
CA ALA B 187 3.61 -14.82 -12.70
C ALA B 187 3.86 -13.33 -12.88
N THR B 188 4.61 -12.92 -13.91
CA THR B 188 4.83 -11.49 -14.17
C THR B 188 3.62 -10.82 -14.79
N ASP B 189 2.55 -11.57 -15.06
CA ASP B 189 1.26 -10.97 -15.42
C ASP B 189 0.71 -10.31 -14.17
N LEU B 190 0.79 -8.98 -14.11
CA LEU B 190 0.46 -8.25 -12.90
C LEU B 190 -0.96 -8.53 -12.45
N ALA B 191 -1.85 -8.91 -13.37
CA ALA B 191 -3.22 -9.24 -13.01
C ALA B 191 -3.28 -10.37 -12.00
N LEU B 192 -2.34 -11.33 -12.09
CA LEU B 192 -2.33 -12.45 -11.18
C LEU B 192 -1.65 -12.13 -9.86
N TYR B 193 -0.97 -10.99 -9.78
CA TYR B 193 -0.17 -10.69 -8.59
C TYR B 193 -1.07 -10.50 -7.38
N PHE B 194 -2.16 -9.75 -7.54
CA PHE B 194 -2.98 -9.34 -6.40
C PHE B 194 -3.50 -10.54 -5.63
N GLY B 195 -4.02 -11.54 -6.35
CA GLY B 195 -4.45 -12.75 -5.67
C GLY B 195 -3.29 -13.57 -5.15
N ASN B 196 -2.12 -13.46 -5.78
CA ASN B 196 -0.96 -14.16 -5.26
C ASN B 196 -0.50 -13.54 -3.94
N ARG B 197 -0.40 -12.22 -3.87
CA ARG B 197 0.07 -11.60 -2.65
C ARG B 197 -0.94 -11.75 -1.52
N LYS B 198 -2.23 -11.53 -1.84
CA LYS B 198 -3.30 -11.76 -0.87
C LYS B 198 -3.22 -13.15 -0.26
N GLN B 199 -2.96 -14.17 -1.07
CA GLN B 199 -2.80 -15.53 -0.56
C GLN B 199 -1.58 -15.64 0.33
N LEU B 200 -0.46 -15.02 -0.06
CA LEU B 200 0.76 -15.12 0.71
C LEU B 200 0.62 -14.45 2.08
N GLU B 201 0.06 -13.24 2.11
CA GLU B 201 -0.08 -12.52 3.38
C GLU B 201 -0.88 -13.35 4.39
N GLU B 202 -1.92 -14.05 3.92
CA GLU B 202 -2.70 -14.89 4.81
C GLU B 202 -1.88 -16.06 5.33
N MET B 203 -1.16 -16.75 4.44
CA MET B 203 -0.34 -17.88 4.88
C MET B 203 0.68 -17.44 5.93
N TYR B 204 1.28 -16.27 5.73
CA TYR B 204 2.21 -15.72 6.70
C TYR B 204 1.51 -15.36 8.00
N GLN B 205 0.43 -14.56 7.90
CA GLN B 205 -0.34 -14.18 9.07
C GLN B 205 -0.75 -15.40 9.89
N THR B 206 -1.25 -16.43 9.21
CA THR B 206 -1.75 -17.61 9.90
C THR B 206 -0.63 -18.59 10.28
N GLY B 207 0.60 -18.36 9.83
CA GLY B 207 1.70 -19.26 10.09
C GLY B 207 1.75 -20.51 9.24
N SER B 208 0.89 -20.62 8.23
CA SER B 208 0.80 -21.81 7.40
C SER B 208 1.73 -21.77 6.18
N LEU B 209 2.49 -20.69 6.01
CA LEU B 209 3.46 -20.62 4.92
C LEU B 209 4.57 -21.62 5.17
N ASN B 210 4.68 -22.63 4.30
CA ASN B 210 5.59 -23.75 4.47
C ASN B 210 6.44 -23.86 3.21
N LEU B 211 7.71 -23.46 3.30
CA LEU B 211 8.54 -23.42 2.10
C LEU B 211 9.01 -24.80 1.66
N ASN B 212 8.69 -25.86 2.39
CA ASN B 212 8.85 -27.23 1.93
C ASN B 212 7.71 -27.68 1.03
N ASN B 213 6.66 -26.87 0.92
CA ASN B 213 5.56 -27.11 0.00
C ASN B 213 5.86 -26.37 -1.31
N GLN B 214 5.89 -27.12 -2.42
CA GLN B 214 6.27 -26.56 -3.71
C GLN B 214 5.31 -25.47 -4.16
N SER B 215 3.99 -25.72 -4.04
CA SER B 215 3.00 -24.69 -4.33
C SER B 215 3.22 -23.41 -3.52
N HIS B 216 3.82 -23.54 -2.33
CA HIS B 216 4.14 -22.34 -1.56
C HIS B 216 5.38 -21.64 -2.10
N ARG B 217 6.41 -22.42 -2.45
CA ARG B 217 7.57 -21.85 -3.12
C ARG B 217 7.17 -21.14 -4.40
N ASP B 218 6.30 -21.78 -5.19
CA ASP B 218 5.83 -21.16 -6.44
C ASP B 218 5.31 -19.75 -6.19
N ARG B 219 4.54 -19.57 -5.11
CA ARG B 219 3.95 -18.26 -4.82
C ARG B 219 4.99 -17.26 -4.35
N VAL B 220 5.91 -17.69 -3.48
CA VAL B 220 6.99 -16.82 -3.04
C VAL B 220 7.83 -16.39 -4.22
N ILE B 221 8.17 -17.33 -5.10
CA ILE B 221 8.92 -17.00 -6.32
C ILE B 221 8.12 -16.04 -7.20
N GLY B 222 6.81 -16.27 -7.30
CA GLY B 222 5.97 -15.37 -8.08
C GLY B 222 6.01 -13.94 -7.57
N LEU B 223 5.93 -13.76 -6.25
CA LEU B 223 5.99 -12.43 -5.69
C LEU B 223 7.37 -11.80 -5.86
N MET B 224 8.41 -12.62 -5.76
CA MET B 224 9.75 -12.16 -6.12
C MET B 224 9.78 -11.65 -7.55
N MET B 225 9.16 -12.39 -8.48
CA MET B 225 9.11 -11.95 -9.87
C MET B 225 8.39 -10.62 -9.97
N THR B 226 7.24 -10.48 -9.31
CA THR B 226 6.57 -9.20 -9.25
C THR B 226 7.48 -8.13 -8.68
N ALA B 227 8.15 -8.43 -7.55
CA ALA B 227 9.02 -7.44 -6.93
C ALA B 227 10.15 -7.03 -7.88
N CYS B 228 10.68 -7.98 -8.65
CA CYS B 228 11.74 -7.63 -9.59
C CYS B 228 11.19 -6.85 -10.77
N ASP B 229 10.01 -7.25 -11.27
CA ASP B 229 9.41 -6.59 -12.42
C ASP B 229 9.11 -5.13 -12.12
N LEU B 230 8.69 -4.83 -10.89
CA LEU B 230 8.31 -3.47 -10.51
C LEU B 230 9.47 -2.64 -9.97
N CYS B 231 10.69 -3.16 -10.04
CA CYS B 231 11.76 -2.66 -9.19
C CYS B 231 12.26 -1.24 -9.54
N SER B 232 11.77 -0.63 -10.64
CA SER B 232 12.15 0.75 -10.89
C SER B 232 11.77 1.65 -9.72
N VAL B 233 10.70 1.29 -8.99
CA VAL B 233 10.26 2.06 -7.85
C VAL B 233 11.11 1.82 -6.61
N THR B 234 12.18 1.02 -6.71
CA THR B 234 13.10 0.82 -5.60
C THR B 234 14.49 1.39 -5.87
N LYS B 235 14.64 2.22 -6.89
CA LYS B 235 15.91 2.87 -7.19
C LYS B 235 15.99 4.22 -6.50
N LEU B 236 17.10 4.92 -6.69
CA LEU B 236 17.19 6.28 -6.16
C LEU B 236 16.35 7.21 -7.03
N TRP B 237 15.82 8.26 -6.40
CA TRP B 237 14.82 9.13 -7.03
C TRP B 237 15.12 9.57 -8.46
N PRO B 238 16.33 10.06 -8.81
CA PRO B 238 16.52 10.50 -10.21
C PRO B 238 16.45 9.36 -11.20
N VAL B 239 16.84 8.15 -10.79
CA VAL B 239 16.67 6.99 -11.67
C VAL B 239 15.20 6.62 -11.79
N THR B 240 14.51 6.51 -10.65
CA THR B 240 13.11 6.15 -10.66
C THR B 240 12.27 7.10 -11.50
N LYS B 241 12.49 8.41 -11.37
CA LYS B 241 11.75 9.37 -12.19
C LYS B 241 11.96 9.10 -13.69
N LEU B 242 13.21 8.97 -14.13
CA LEU B 242 13.45 8.77 -15.55
C LEU B 242 12.77 7.50 -16.06
N THR B 243 12.87 6.41 -15.32
CA THR B 243 12.22 5.17 -15.75
C THR B 243 10.70 5.32 -15.80
N ALA B 244 10.13 6.15 -14.91
CA ALA B 244 8.70 6.45 -15.02
C ALA B 244 8.38 7.10 -16.36
N ASN B 245 9.30 7.91 -16.91
CA ASN B 245 9.06 8.49 -18.23
C ASN B 245 8.95 7.40 -19.29
N ASP B 246 9.76 6.34 -19.17
CA ASP B 246 9.75 5.28 -20.18
C ASP B 246 8.47 4.46 -20.05
N ILE B 247 8.00 4.28 -18.82
CA ILE B 247 6.79 3.54 -18.56
C ILE B 247 5.60 4.25 -19.19
N TYR B 248 5.47 5.55 -18.94
CA TYR B 248 4.33 6.25 -19.52
C TYR B 248 4.53 6.46 -21.02
N ALA B 249 5.77 6.53 -21.49
CA ALA B 249 5.99 6.55 -22.94
C ALA B 249 5.34 5.35 -23.61
N GLU B 250 5.53 4.15 -23.04
CA GLU B 250 4.90 2.97 -23.63
C GLU B 250 3.39 3.00 -23.45
N PHE B 251 2.92 3.35 -22.24
CA PHE B 251 1.49 3.56 -21.99
C PHE B 251 0.88 4.49 -23.04
N TRP B 252 1.48 5.69 -23.19
CA TRP B 252 0.91 6.70 -24.08
C TRP B 252 0.95 6.23 -25.52
N ALA B 253 1.95 5.45 -25.88
CA ALA B 253 1.99 4.91 -27.23
C ALA B 253 0.84 3.93 -27.46
N GLU B 254 0.49 3.13 -26.46
CA GLU B 254 -0.64 2.21 -26.64
C GLU B 254 -1.94 2.98 -26.75
N GLY B 255 -2.12 4.01 -25.93
CA GLY B 255 -3.28 4.89 -26.09
C GLY B 255 -3.32 5.56 -27.46
N ASP B 256 -2.15 5.95 -27.98
CA ASP B 256 -2.08 6.53 -29.34
C ASP B 256 -2.66 5.57 -30.35
N GLU B 257 -2.29 4.29 -30.28
CA GLU B 257 -2.81 3.35 -31.27
C GLU B 257 -4.32 3.23 -31.14
N MET B 258 -4.87 3.42 -29.94
CA MET B 258 -6.32 3.42 -29.82
C MET B 258 -6.92 4.67 -30.45
N LYS B 259 -6.31 5.83 -30.19
CA LYS B 259 -6.76 7.07 -30.84
C LYS B 259 -6.71 6.96 -32.36
N LYS B 260 -5.80 6.15 -32.91
CA LYS B 260 -5.75 5.97 -34.35
C LYS B 260 -6.99 5.26 -34.90
N LEU B 261 -7.79 4.63 -34.05
CA LEU B 261 -9.09 4.10 -34.45
C LEU B 261 -10.23 4.93 -33.87
N GLY B 262 -9.95 6.14 -33.39
CA GLY B 262 -10.98 6.96 -32.79
C GLY B 262 -11.47 6.46 -31.45
N ILE B 263 -10.65 5.70 -30.74
CA ILE B 263 -11.00 5.14 -29.44
C ILE B 263 -10.27 5.93 -28.36
N GLN B 264 -11.02 6.61 -27.52
CA GLN B 264 -10.43 7.34 -26.41
C GLN B 264 -9.74 6.38 -25.43
N PRO B 265 -8.46 6.57 -25.14
CA PRO B 265 -7.82 5.75 -24.12
C PRO B 265 -8.18 6.22 -22.71
N ILE B 266 -7.91 5.35 -21.75
CA ILE B 266 -8.02 5.69 -20.34
C ILE B 266 -6.93 6.73 -20.03
N PRO B 267 -7.11 7.58 -19.02
CA PRO B 267 -6.11 8.64 -18.75
C PRO B 267 -4.68 8.13 -18.60
N MET B 268 -4.49 6.95 -18.00
CA MET B 268 -3.15 6.36 -17.86
C MET B 268 -2.44 6.26 -19.19
N MET B 269 -3.18 6.01 -20.25
CA MET B 269 -2.60 5.81 -21.57
C MET B 269 -2.80 7.02 -22.47
N ASP B 270 -3.22 8.14 -21.90
CA ASP B 270 -3.58 9.34 -22.65
C ASP B 270 -2.49 10.38 -22.43
N ARG B 271 -1.66 10.60 -23.46
CA ARG B 271 -0.57 11.55 -23.30
C ARG B 271 -1.08 12.97 -23.08
N ASP B 272 -2.31 13.26 -23.49
CA ASP B 272 -2.92 14.55 -23.19
C ASP B 272 -3.24 14.71 -21.70
N LYS B 273 -3.03 13.69 -20.89
CA LYS B 273 -3.33 13.74 -19.47
C LYS B 273 -2.08 13.49 -18.64
N LYS B 274 -0.92 13.96 -19.11
CA LYS B 274 0.30 13.70 -18.37
C LYS B 274 0.36 14.45 -17.04
N ASP B 275 -0.48 15.44 -16.81
CA ASP B 275 -0.43 16.12 -15.52
C ASP B 275 -0.99 15.28 -14.38
N GLU B 276 -1.64 14.16 -14.71
CA GLU B 276 -2.19 13.25 -13.73
C GLU B 276 -1.20 12.17 -13.31
N VAL B 277 0.02 12.17 -13.87
CA VAL B 277 0.99 11.12 -13.56
C VAL B 277 1.43 11.12 -12.11
N PRO B 278 1.78 12.25 -11.49
CA PRO B 278 2.19 12.19 -10.07
C PRO B 278 1.14 11.54 -9.18
N GLN B 279 -0.13 11.93 -9.32
CA GLN B 279 -1.21 11.31 -8.57
C GLN B 279 -1.38 9.84 -8.91
N GLY B 280 -1.32 9.50 -10.20
CA GLY B 280 -1.37 8.09 -10.56
C GLY B 280 -0.26 7.30 -9.90
N GLN B 281 0.93 7.89 -9.80
CA GLN B 281 2.05 7.17 -9.19
C GLN B 281 1.82 6.96 -7.70
N LEU B 282 1.39 8.01 -6.99
CA LEU B 282 1.08 7.83 -5.57
C LEU B 282 0.05 6.72 -5.38
N GLY B 283 -1.00 6.71 -6.22
CA GLY B 283 -1.98 5.63 -6.16
C GLY B 283 -1.36 4.28 -6.37
N PHE B 284 -0.50 4.16 -7.40
CA PHE B 284 0.13 2.88 -7.72
C PHE B 284 1.04 2.40 -6.59
N TYR B 285 1.79 3.31 -5.98
CA TYR B 285 2.68 2.92 -4.88
C TYR B 285 1.88 2.39 -3.71
N ASN B 286 0.82 3.09 -3.32
CA ASN B 286 0.04 2.66 -2.18
C ASN B 286 -0.78 1.42 -2.50
N ALA B 287 -1.32 1.32 -3.73
CA ALA B 287 -2.19 0.20 -4.04
C ALA B 287 -1.41 -1.04 -4.47
N VAL B 288 -0.26 -0.85 -5.12
CA VAL B 288 0.42 -2.01 -5.71
C VAL B 288 1.79 -2.21 -5.10
N ALA B 289 2.64 -1.18 -5.19
CA ALA B 289 4.06 -1.38 -4.92
C ALA B 289 4.33 -1.61 -3.43
N ILE B 290 3.76 -0.78 -2.56
CA ILE B 290 4.03 -0.94 -1.13
C ILE B 290 3.57 -2.32 -0.62
N PRO B 291 2.35 -2.79 -0.89
CA PRO B 291 2.00 -4.13 -0.43
C PRO B 291 2.87 -5.24 -1.01
N CYS B 292 3.35 -5.07 -2.23
CA CYS B 292 4.27 -6.06 -2.82
C CYS B 292 5.53 -6.19 -1.98
N TYR B 293 6.23 -5.08 -1.76
CA TYR B 293 7.49 -5.13 -1.04
C TYR B 293 7.29 -5.38 0.45
N THR B 294 6.13 -5.03 0.99
CA THR B 294 5.86 -5.33 2.39
C THR B 294 5.74 -6.83 2.61
N THR B 295 4.92 -7.50 1.79
CA THR B 295 4.77 -8.95 1.94
C THR B 295 6.06 -9.67 1.62
N LEU B 296 6.80 -9.21 0.61
CA LEU B 296 8.13 -9.76 0.34
C LEU B 296 9.06 -9.62 1.54
N THR B 297 9.12 -8.41 2.12
CA THR B 297 9.97 -8.18 3.28
C THR B 297 9.54 -9.03 4.45
N GLN B 298 8.24 -9.29 4.60
CA GLN B 298 7.81 -10.24 5.63
C GLN B 298 8.40 -11.62 5.38
N ILE B 299 8.27 -12.12 4.16
CA ILE B 299 8.65 -13.49 3.84
C ILE B 299 10.16 -13.62 3.75
N LEU B 300 10.83 -12.62 3.16
CA LEU B 300 12.29 -12.56 3.02
C LEU B 300 12.79 -11.28 3.66
N PRO B 301 13.05 -11.28 4.97
CA PRO B 301 13.44 -10.03 5.66
C PRO B 301 14.63 -9.34 5.02
N PRO B 302 15.64 -10.04 4.47
CA PRO B 302 16.76 -9.31 3.85
C PRO B 302 16.39 -8.48 2.63
N THR B 303 15.18 -8.61 2.06
CA THR B 303 14.80 -7.73 0.97
C THR B 303 14.22 -6.42 1.45
N GLU B 304 14.25 -6.19 2.76
CA GLU B 304 13.77 -4.93 3.31
C GLU B 304 14.28 -3.69 2.59
N PRO B 305 15.53 -3.61 2.10
CA PRO B 305 15.94 -2.38 1.41
C PRO B 305 15.08 -2.02 0.21
N LEU B 306 14.42 -3.01 -0.41
CA LEU B 306 13.46 -2.72 -1.47
C LEU B 306 12.25 -1.94 -0.95
N LEU B 307 11.70 -2.37 0.20
CA LEU B 307 10.57 -1.66 0.78
C LEU B 307 10.99 -0.25 1.21
N LYS B 308 12.17 -0.12 1.81
CA LYS B 308 12.67 1.19 2.24
C LYS B 308 12.76 2.13 1.05
N ALA B 309 13.32 1.65 -0.06
CA ALA B 309 13.49 2.51 -1.24
C ALA B 309 12.15 2.89 -1.84
N CYS B 310 11.22 1.93 -1.92
CA CYS B 310 9.88 2.22 -2.43
C CYS B 310 9.21 3.32 -1.60
N ARG B 311 9.32 3.24 -0.27
CA ARG B 311 8.75 4.30 0.58
C ARG B 311 9.42 5.65 0.29
N ASP B 312 10.74 5.66 0.17
CA ASP B 312 11.45 6.91 -0.16
C ASP B 312 10.87 7.53 -1.42
N ASN B 313 10.62 6.71 -2.46
CA ASN B 313 10.12 7.28 -3.70
C ASN B 313 8.66 7.66 -3.59
N LEU B 314 7.87 6.91 -2.81
CA LEU B 314 6.50 7.33 -2.58
C LEU B 314 6.45 8.73 -2.00
N SER B 315 7.32 9.02 -1.03
CA SER B 315 7.37 10.37 -0.47
C SER B 315 7.76 11.38 -1.53
N GLN B 316 8.65 11.01 -2.44
CA GLN B 316 9.03 11.92 -3.52
C GLN B 316 7.86 12.26 -4.41
N TRP B 317 7.03 11.27 -4.75
CA TRP B 317 5.86 11.57 -5.57
C TRP B 317 4.91 12.47 -4.83
N GLU B 318 4.77 12.26 -3.53
CA GLU B 318 3.96 13.15 -2.72
C GLU B 318 4.46 14.59 -2.84
N LYS B 319 5.78 14.79 -2.75
CA LYS B 319 6.32 16.13 -2.87
C LYS B 319 6.03 16.75 -4.24
N VAL B 320 6.08 15.92 -5.29
CA VAL B 320 5.72 16.39 -6.62
C VAL B 320 4.28 16.91 -6.63
N ILE B 321 3.35 16.08 -6.18
CA ILE B 321 1.94 16.46 -6.08
C ILE B 321 1.77 17.77 -5.31
N ARG B 322 2.51 17.94 -4.22
CA ARG B 322 2.30 19.10 -3.37
C ARG B 322 3.04 20.34 -3.84
N GLY B 323 3.89 20.22 -4.86
CA GLY B 323 4.53 21.37 -5.46
C GLY B 323 5.91 21.70 -4.90
N GLU B 324 6.41 20.88 -3.98
CA GLU B 324 7.75 21.06 -3.43
C GLU B 324 8.73 20.05 -4.00
N1 8Q7 C . -17.58 9.08 6.63
C4 8Q7 C . -17.44 9.59 3.90
C6 8Q7 C . -16.36 9.38 6.09
C8 8Q7 C . -15.71 10.09 2.84
C13 8Q7 C . -22.33 8.63 4.58
C15 8Q7 C . -21.87 9.56 2.40
C20 8Q7 C . -19.12 6.78 8.60
C21 8Q7 C . -19.46 5.46 8.51
C22 8Q7 C . -18.72 4.61 7.72
C24 8Q7 C . -17.29 6.40 7.13
C26 8Q7 C . -18.52 2.81 6.44
C28 8Q7 C . -23.45 6.39 3.52
C23 8Q7 C . -17.63 5.07 7.02
C3 8Q7 C . -18.68 9.28 4.45
C12 8Q7 C . -19.97 9.16 3.87
C19 8Q7 C . -18.03 7.27 7.92
C11 8Q7 C . -20.90 8.82 4.85
C2 8Q7 C . -18.68 9.03 5.80
C27 8Q7 C . -22.90 7.35 2.57
C16 8Q7 C . -20.38 9.34 2.48
C31 8Q7 C . -23.92 5.04 3.05
C30 8Q7 C . -24.91 6.10 3.46
C18 8Q7 C . -17.66 8.74 8.01
N7 8Q7 C . -17.05 9.88 2.68
N9 8Q7 C . -15.23 9.94 4.08
N5 8Q7 C . -16.36 9.63 4.74
N14 8Q7 C . -22.55 8.56 3.17
O17 8Q7 C . -15.30 9.46 6.68
O29 8Q7 C . -22.82 7.05 1.39
O25 8Q7 C . -19.10 3.28 7.65
F32 8Q7 C . -25.68 6.71 2.47
F33 8Q7 C . -25.62 6.02 4.66
S10 8Q7 C . -20.25 8.66 6.42
ZN ZN D . -14.36 6.13 13.16
MG MG E . -17.48 4.97 14.73
N1 8Q7 F . 4.42 -0.93 -13.53
C4 8Q7 F . 4.40 1.64 -12.54
C6 8Q7 F . 5.62 -0.40 -13.08
C8 8Q7 F . 6.03 2.70 -11.77
C13 8Q7 F . -0.43 1.01 -13.81
C15 8Q7 F . 0.18 3.36 -13.34
C20 8Q7 F . 3.17 -2.68 -16.30
C21 8Q7 F . 2.93 -2.39 -17.62
C22 8Q7 F . 3.60 -1.36 -18.26
C24 8Q7 F . 4.76 -0.92 -16.24
C26 8Q7 F . 4.11 -0.07 -20.08
C28 8Q7 F . -2.60 1.28 -12.07
C23 8Q7 F . 4.53 -0.63 -17.57
C3 8Q7 F . 3.22 1.11 -13.01
C12 8Q7 F . 1.91 1.66 -13.07
C19 8Q7 F . 4.10 -1.95 -15.59
C11 8Q7 F . 1.03 0.75 -13.60
C2 8Q7 F . 3.30 -0.16 -13.49
C27 8Q7 F . -1.85 2.49 -12.41
C16 8Q7 F . 1.47 2.99 -12.64
C31 8Q7 F . -4.00 1.46 -11.55
C30 8Q7 F . -2.94 0.88 -10.66
C18 8Q7 F . 4.36 -2.24 -14.12
N7 8Q7 F . 4.68 2.81 -12.02
N9 8Q7 F . 6.59 1.52 -12.10
N5 8Q7 F . 5.53 0.87 -12.60
N14 8Q7 F . -0.77 2.30 -13.23
O17 8Q7 F . 6.74 -0.90 -13.03
O29 8Q7 F . -2.21 3.58 -11.99
O25 8Q7 F . 3.30 -1.14 -19.61
F32 8Q7 F . -2.55 1.61 -9.55
F33 8Q7 F . -2.99 -0.47 -10.34
S10 8Q7 F . 1.77 -0.74 -14.02
ZN ZN G . 8.59 -6.96 -17.14
MG MG H . 5.68 -8.47 -18.91
#